data_4RRF
#
_entry.id   4RRF
#
_cell.length_a   159.595
_cell.length_b   52.813
_cell.length_c   98.315
_cell.angle_alpha   90.00
_cell.angle_beta   104.04
_cell.angle_gamma   90.00
#
_symmetry.space_group_name_H-M   'C 1 2 1'
#
loop_
_entity.id
_entity.type
_entity.pdbx_description
1 polymer 'Threonine--tRNA ligase'
2 non-polymer "SERINE-3'-AMINOADENOSINE"
3 non-polymer 'CHLORIDE ION'
4 non-polymer 'MAGNESIUM ION'
5 water water
#
_entity_poly.entity_id   1
_entity_poly.type   'polypeptide(L)'
_entity_poly.pdbx_seq_one_letter_code
;MKMLLIHSDYLEFEAKEKTKIAEETENLKGKLDECLACFIAVEREDENNPEGTAIGAVEEIEKVANQLKVNNIVVYPYAH
LSSDLSSPETAVKVLKDIESILKERGYNVLRAPFGWYKAFKISCKGHPLSELSRKIVAKEE
;
_entity_poly.pdbx_strand_id   A,B,C,D,E,F
#
# COMPACT_ATOMS: atom_id res chain seq x y z
N MET A 1 -16.65 -23.04 16.30
CA MET A 1 -15.74 -22.44 15.25
C MET A 1 -16.59 -21.59 14.32
N LYS A 2 -16.11 -20.41 13.97
CA LYS A 2 -16.87 -19.63 12.99
C LYS A 2 -15.95 -19.40 11.84
N MET A 3 -16.50 -19.48 10.62
CA MET A 3 -15.67 -19.36 9.42
C MET A 3 -16.38 -18.50 8.39
N LEU A 4 -15.60 -17.66 7.72
CA LEU A 4 -16.07 -16.91 6.55
C LEU A 4 -15.23 -17.31 5.39
N LEU A 5 -15.86 -17.73 4.29
CA LEU A 5 -15.09 -18.26 3.17
C LEU A 5 -15.37 -17.33 1.99
N ILE A 6 -14.27 -16.86 1.42
CA ILE A 6 -14.29 -15.81 0.40
C ILE A 6 -13.54 -16.28 -0.86
N HIS A 7 -14.28 -16.42 -1.95
CA HIS A 7 -13.65 -16.80 -3.23
C HIS A 7 -13.03 -15.58 -3.80
N SER A 8 -11.72 -15.62 -3.97
CA SER A 8 -10.95 -14.39 -4.17
C SER A 8 -10.15 -14.43 -5.42
N ASP A 9 -9.91 -13.28 -6.02
CA ASP A 9 -8.94 -13.21 -7.13
C ASP A 9 -7.53 -13.38 -6.60
N TYR A 10 -7.34 -12.92 -5.36
CA TYR A 10 -6.05 -13.06 -4.67
C TYR A 10 -6.24 -12.75 -3.21
N LEU A 11 -5.37 -13.29 -2.36
CA LEU A 11 -5.26 -12.85 -0.99
C LEU A 11 -3.76 -12.65 -0.71
N GLU A 12 -3.37 -11.46 -0.24
CA GLU A 12 -1.96 -11.21 0.08
C GLU A 12 -1.90 -10.76 1.50
N PHE A 13 -0.90 -11.18 2.26
CA PHE A 13 -0.84 -10.71 3.64
C PHE A 13 0.62 -10.48 4.07
N GLU A 14 0.78 -9.61 5.07
CA GLU A 14 2.10 -9.40 5.66
C GLU A 14 1.96 -9.25 7.17
N ALA A 15 2.73 -10.04 7.92
CA ALA A 15 2.68 -9.93 9.40
C ALA A 15 3.34 -8.62 9.79
N LYS A 16 2.64 -7.81 10.59
CA LYS A 16 3.17 -6.49 10.96
C LYS A 16 3.60 -6.42 12.41
N GLU A 17 2.70 -6.78 13.32
CA GLU A 17 3.02 -6.64 14.72
C GLU A 17 2.83 -7.91 15.50
N LYS A 18 3.83 -8.22 16.32
CA LYS A 18 3.79 -9.32 17.26
C LYS A 18 2.85 -9.11 18.41
N THR A 19 2.18 -10.18 18.80
CA THR A 19 1.49 -10.19 20.10
C THR A 19 2.21 -11.15 21.04
N LYS A 20 1.68 -11.29 22.25
CA LYS A 20 2.29 -12.20 23.22
C LYS A 20 2.16 -13.69 22.80
N ILE A 21 1.33 -13.97 21.79
CA ILE A 21 1.09 -15.36 21.31
C ILE A 21 1.54 -15.57 19.84
N ALA A 22 2.32 -14.63 19.32
CA ALA A 22 2.83 -14.73 17.94
C ALA A 22 3.68 -15.94 17.72
N GLU A 23 3.41 -16.61 16.60
CA GLU A 23 4.19 -17.77 16.21
C GLU A 23 5.17 -17.35 15.14
N GLU A 24 6.44 -17.75 15.26
CA GLU A 24 7.44 -17.45 14.21
C GLU A 24 7.35 -18.53 13.14
N THR A 25 6.95 -18.16 11.94
CA THR A 25 6.77 -19.13 10.89
C THR A 25 7.51 -18.66 9.63
N GLU A 26 7.53 -19.55 8.65
CA GLU A 26 8.24 -19.28 7.42
C GLU A 26 7.35 -18.51 6.43
N ASN A 27 6.12 -18.19 6.85
CA ASN A 27 5.21 -17.43 5.97
C ASN A 27 4.72 -16.20 6.63
N LEU A 28 5.64 -15.34 7.06
CA LEU A 28 5.18 -14.08 7.65
C LEU A 28 4.58 -13.16 6.59
N LYS A 29 5.06 -13.32 5.35
CA LYS A 29 4.47 -12.67 4.21
C LYS A 29 3.94 -13.77 3.28
N GLY A 30 2.87 -13.51 2.53
CA GLY A 30 2.37 -14.58 1.64
C GLY A 30 1.30 -14.13 0.71
N LYS A 31 1.13 -14.88 -0.36
CA LYS A 31 0.14 -14.54 -1.38
C LYS A 31 -0.36 -15.73 -2.16
N LEU A 32 -1.64 -15.75 -2.41
CA LEU A 32 -2.19 -16.88 -3.17
C LEU A 32 -3.24 -16.38 -4.12
N ASP A 33 -3.12 -16.71 -5.42
CA ASP A 33 -4.14 -16.28 -6.40
C ASP A 33 -5.27 -17.31 -6.51
N GLU A 34 -6.44 -16.85 -6.93
CA GLU A 34 -7.56 -17.72 -7.35
C GLU A 34 -7.83 -18.73 -6.22
N CYS A 35 -8.19 -18.19 -5.06
CA CYS A 35 -8.17 -18.99 -3.85
C CYS A 35 -9.47 -18.86 -3.04
N LEU A 36 -9.66 -19.77 -2.12
CA LEU A 36 -10.76 -19.65 -1.16
C LEU A 36 -10.06 -19.18 0.09
N ALA A 37 -10.39 -17.97 0.54
CA ALA A 37 -9.72 -17.44 1.70
C ALA A 37 -10.61 -17.81 2.88
N CYS A 38 -10.08 -18.54 3.84
CA CYS A 38 -10.94 -19.05 4.90
C CYS A 38 -10.53 -18.29 6.16
N PHE A 39 -11.35 -17.32 6.56
CA PHE A 39 -11.13 -16.59 7.77
C PHE A 39 -11.74 -17.37 8.92
N ILE A 40 -10.95 -17.70 9.95
CA ILE A 40 -11.39 -18.69 10.97
C ILE A 40 -11.14 -18.23 12.39
N ALA A 41 -12.20 -18.25 13.20
CA ALA A 41 -12.10 -17.98 14.61
C ALA A 41 -12.37 -19.34 15.33
N VAL A 42 -11.39 -19.80 16.10
CA VAL A 42 -11.54 -21.05 16.89
C VAL A 42 -12.18 -20.69 18.23
N GLU A 43 -13.25 -21.37 18.57
CA GLU A 43 -14.12 -20.94 19.67
C GLU A 43 -13.99 -21.83 20.87
N ARG A 44 -14.48 -21.36 22.03
CA ARG A 44 -14.27 -22.04 23.29
C ARG A 44 -14.84 -23.48 23.25
N GLU A 45 -15.99 -23.66 22.61
CA GLU A 45 -16.63 -24.98 22.53
C GLU A 45 -15.71 -25.96 21.80
N ASP A 46 -14.84 -25.43 20.93
CA ASP A 46 -13.94 -26.28 20.15
C ASP A 46 -12.94 -27.02 21.01
N GLU A 47 -12.71 -26.53 22.23
CA GLU A 47 -11.72 -27.16 23.13
C GLU A 47 -12.20 -28.56 23.54
N ASN A 48 -13.52 -28.78 23.52
CA ASN A 48 -14.08 -30.09 23.88
C ASN A 48 -13.56 -31.17 22.93
N ASN A 49 -13.39 -30.80 21.65
CA ASN A 49 -13.02 -31.76 20.62
C ASN A 49 -12.33 -31.01 19.47
N PRO A 50 -11.05 -30.70 19.65
CA PRO A 50 -10.22 -29.99 18.65
C PRO A 50 -10.16 -30.75 17.31
N GLU A 51 -9.98 -32.07 17.41
CA GLU A 51 -9.84 -32.90 16.21
C GLU A 51 -11.11 -32.94 15.35
N GLY A 52 -12.27 -33.18 15.99
CA GLY A 52 -13.57 -33.15 15.31
C GLY A 52 -13.89 -31.80 14.71
N THR A 53 -13.46 -30.74 15.37
CA THR A 53 -13.68 -29.38 14.86
C THR A 53 -12.95 -29.18 13.50
N ALA A 54 -11.66 -29.52 13.50
CA ALA A 54 -10.82 -29.49 12.28
C ALA A 54 -11.46 -30.30 11.15
N ILE A 55 -11.90 -31.50 11.46
CA ILE A 55 -12.59 -32.34 10.48
C ILE A 55 -13.84 -31.71 9.93
N GLY A 56 -14.67 -31.16 10.81
CA GLY A 56 -15.89 -30.50 10.37
C GLY A 56 -15.59 -29.31 9.48
N ALA A 57 -14.53 -28.57 9.84
CA ALA A 57 -14.18 -27.38 9.12
C ALA A 57 -13.72 -27.76 7.68
N VAL A 58 -12.86 -28.80 7.60
CA VAL A 58 -12.40 -29.32 6.30
C VAL A 58 -13.54 -29.82 5.44
N GLU A 59 -14.55 -30.46 6.04
CA GLU A 59 -15.69 -30.93 5.22
C GLU A 59 -16.38 -29.77 4.54
N GLU A 60 -16.52 -28.64 5.26
CA GLU A 60 -17.22 -27.49 4.73
C GLU A 60 -16.42 -26.78 3.65
N ILE A 61 -15.14 -26.66 3.88
CA ILE A 61 -14.21 -26.05 2.88
C ILE A 61 -14.20 -26.84 1.61
N GLU A 62 -14.15 -28.17 1.71
CA GLU A 62 -14.13 -29.00 0.50
C GLU A 62 -15.44 -28.94 -0.28
N LYS A 63 -16.59 -28.86 0.42
CA LYS A 63 -17.88 -28.71 -0.23
C LYS A 63 -17.87 -27.45 -1.12
N VAL A 64 -17.34 -26.35 -0.55
CA VAL A 64 -17.32 -25.11 -1.22
C VAL A 64 -16.25 -25.13 -2.32
N ALA A 65 -15.08 -25.64 -1.98
CA ALA A 65 -13.93 -25.64 -2.90
C ALA A 65 -14.25 -26.49 -4.12
N ASN A 66 -14.89 -27.64 -3.90
CA ASN A 66 -15.30 -28.45 -5.05
C ASN A 66 -16.36 -27.85 -5.95
N GLN A 67 -17.33 -27.16 -5.36
CA GLN A 67 -18.38 -26.51 -6.13
C GLN A 67 -17.76 -25.40 -6.98
N LEU A 68 -16.75 -24.74 -6.42
CA LEU A 68 -16.13 -23.64 -7.15
C LEU A 68 -14.89 -23.99 -8.03
N LYS A 69 -14.54 -25.28 -8.03
CA LYS A 69 -13.35 -25.84 -8.69
C LYS A 69 -12.09 -25.08 -8.27
N VAL A 70 -11.92 -24.92 -6.95
CA VAL A 70 -10.81 -24.15 -6.41
C VAL A 70 -9.93 -25.10 -5.62
N ASN A 71 -8.62 -25.09 -5.90
CA ASN A 71 -7.64 -25.87 -5.17
C ASN A 71 -6.74 -25.10 -4.22
N ASN A 72 -6.73 -23.77 -4.35
CA ASN A 72 -5.89 -22.96 -3.50
C ASN A 72 -6.66 -22.49 -2.28
N ILE A 73 -6.11 -22.74 -1.09
CA ILE A 73 -6.86 -22.40 0.11
C ILE A 73 -5.92 -21.61 0.99
N VAL A 74 -6.42 -20.50 1.55
CA VAL A 74 -5.64 -19.80 2.58
C VAL A 74 -6.38 -20.01 3.92
N VAL A 75 -5.66 -20.50 4.93
CA VAL A 75 -6.20 -20.66 6.29
C VAL A 75 -5.73 -19.43 7.06
N TYR A 76 -6.69 -18.56 7.42
CA TYR A 76 -6.33 -17.26 7.95
C TYR A 76 -6.97 -17.07 9.31
N PRO A 77 -6.13 -17.07 10.37
CA PRO A 77 -6.70 -16.88 11.74
C PRO A 77 -7.33 -15.55 11.83
N TYR A 78 -8.57 -15.50 12.35
CA TYR A 78 -9.35 -14.28 12.35
C TYR A 78 -10.24 -14.23 13.57
N ALA A 79 -9.65 -13.74 14.64
CA ALA A 79 -10.30 -14.00 15.91
C ALA A 79 -11.51 -13.10 16.01
N HIS A 80 -11.58 -12.08 15.15
CA HIS A 80 -12.68 -11.08 15.23
C HIS A 80 -14.05 -11.63 14.89
N LEU A 81 -14.12 -12.81 14.28
CA LEU A 81 -15.40 -13.45 13.96
C LEU A 81 -16.17 -13.98 15.17
N SER A 82 -15.53 -13.99 16.35
CA SER A 82 -16.19 -14.53 17.54
C SER A 82 -15.76 -13.82 18.81
N SER A 83 -16.69 -13.61 19.77
CA SER A 83 -16.33 -13.01 21.04
C SER A 83 -16.25 -14.09 22.13
N ASP A 84 -16.21 -15.35 21.72
CA ASP A 84 -16.09 -16.49 22.61
C ASP A 84 -14.96 -17.39 22.16
N LEU A 85 -13.72 -16.94 22.33
CA LEU A 85 -12.62 -17.66 21.69
C LEU A 85 -12.07 -18.83 22.46
N SER A 86 -11.57 -19.85 21.76
CA SER A 86 -10.75 -20.82 22.44
C SER A 86 -9.42 -20.26 22.97
N SER A 87 -8.75 -21.03 23.82
CA SER A 87 -7.37 -20.72 24.22
C SER A 87 -6.43 -20.66 22.96
N PRO A 88 -5.32 -19.94 23.05
CA PRO A 88 -4.39 -19.94 21.91
C PRO A 88 -3.83 -21.33 21.59
N GLU A 89 -3.53 -22.17 22.60
CA GLU A 89 -2.95 -23.47 22.26
C GLU A 89 -3.91 -24.33 21.47
N THR A 90 -5.20 -24.27 21.83
CA THR A 90 -6.24 -25.03 21.09
C THR A 90 -6.37 -24.45 19.69
N ALA A 91 -6.30 -23.12 19.59
CA ALA A 91 -6.57 -22.46 18.30
C ALA A 91 -5.49 -22.82 17.29
N VAL A 92 -4.23 -22.74 17.69
CA VAL A 92 -3.09 -23.15 16.89
C VAL A 92 -3.24 -24.58 16.42
N LYS A 93 -3.54 -25.48 17.36
CA LYS A 93 -3.72 -26.90 17.09
C LYS A 93 -4.76 -27.14 16.00
N VAL A 94 -5.91 -26.48 16.13
CA VAL A 94 -7.01 -26.67 15.19
C VAL A 94 -6.64 -26.12 13.82
N LEU A 95 -6.04 -24.92 13.75
CA LEU A 95 -5.64 -24.27 12.45
C LEU A 95 -4.62 -25.17 11.72
N LYS A 96 -3.63 -25.69 12.47
CA LYS A 96 -2.62 -26.51 11.81
C LYS A 96 -3.23 -27.82 11.33
N ASP A 97 -4.21 -28.33 12.05
CA ASP A 97 -4.87 -29.60 11.64
C ASP A 97 -5.68 -29.41 10.35
N ILE A 98 -6.40 -28.30 10.25
CA ILE A 98 -7.21 -27.92 9.03
C ILE A 98 -6.26 -27.88 7.86
N GLU A 99 -5.10 -27.21 8.06
CA GLU A 99 -4.06 -27.16 7.03
C GLU A 99 -3.59 -28.58 6.67
N SER A 100 -3.16 -29.33 7.68
CA SER A 100 -2.59 -30.66 7.46
C SER A 100 -3.55 -31.59 6.68
N ILE A 101 -4.82 -31.65 7.11
CA ILE A 101 -5.86 -32.49 6.47
C ILE A 101 -6.11 -32.03 5.03
N LEU A 102 -6.25 -30.72 4.83
CA LEU A 102 -6.39 -30.22 3.42
C LEU A 102 -5.21 -30.66 2.54
N LYS A 103 -3.98 -30.57 3.04
CA LYS A 103 -2.80 -30.97 2.22
C LYS A 103 -2.91 -32.46 1.91
N GLU A 104 -3.42 -33.27 2.85
CA GLU A 104 -3.50 -34.73 2.63
C GLU A 104 -4.54 -35.00 1.57
N ARG A 105 -5.39 -34.02 1.34
CA ARG A 105 -6.48 -34.17 0.37
C ARG A 105 -6.18 -33.48 -0.95
N GLY A 106 -4.91 -33.11 -1.14
CA GLY A 106 -4.37 -32.51 -2.34
C GLY A 106 -4.54 -31.06 -2.61
N TYR A 107 -4.98 -30.32 -1.60
CA TYR A 107 -5.12 -28.89 -1.76
C TYR A 107 -3.76 -28.18 -1.67
N ASN A 108 -3.68 -27.01 -2.29
CA ASN A 108 -2.53 -26.12 -2.21
C ASN A 108 -2.84 -25.09 -1.10
N VAL A 109 -2.21 -25.22 0.07
CA VAL A 109 -2.63 -24.46 1.27
C VAL A 109 -1.54 -23.51 1.73
N LEU A 110 -1.93 -22.29 2.05
CA LEU A 110 -1.03 -21.35 2.62
C LEU A 110 -1.63 -21.01 3.98
N ARG A 111 -0.87 -21.22 5.04
CA ARG A 111 -1.39 -20.90 6.36
C ARG A 111 -0.80 -19.54 6.78
N ALA A 112 -1.63 -18.52 7.10
CA ALA A 112 -1.09 -17.31 7.65
C ALA A 112 -0.75 -17.54 9.15
N PRO A 113 0.27 -16.83 9.66
CA PRO A 113 0.84 -17.16 10.96
C PRO A 113 -0.11 -16.71 12.09
N PHE A 114 -0.14 -17.50 13.14
CA PHE A 114 -1.04 -17.30 14.28
C PHE A 114 -0.44 -16.24 15.20
N GLY A 115 -1.28 -15.37 15.70
CA GLY A 115 -0.88 -14.51 16.82
C GLY A 115 -0.19 -13.21 16.41
N TRP A 116 -0.37 -12.80 15.14
CA TRP A 116 0.16 -11.52 14.66
C TRP A 116 -0.93 -10.57 14.25
N TYR A 117 -0.63 -9.27 14.26
CA TYR A 117 -1.48 -8.33 13.61
C TYR A 117 -0.97 -8.25 12.21
N LYS A 118 -1.87 -8.42 11.22
CA LYS A 118 -1.42 -8.49 9.87
C LYS A 118 -2.15 -7.61 8.90
N ALA A 119 -1.40 -7.14 7.90
CA ALA A 119 -1.93 -6.37 6.80
C ALA A 119 -2.39 -7.39 5.79
N PHE A 120 -3.47 -7.11 5.07
CA PHE A 120 -3.84 -8.01 4.00
C PHE A 120 -4.55 -7.25 2.92
N LYS A 121 -4.58 -7.85 1.74
CA LYS A 121 -5.30 -7.32 0.61
C LYS A 121 -6.03 -8.48 0.03
N ILE A 122 -7.28 -8.22 -0.34
CA ILE A 122 -8.16 -9.29 -0.88
C ILE A 122 -8.99 -8.67 -2.01
N SER A 123 -9.35 -9.50 -2.98
CA SER A 123 -10.32 -9.12 -3.97
C SER A 123 -11.33 -10.25 -4.12
N CYS A 124 -12.55 -9.99 -3.71
CA CYS A 124 -13.62 -10.99 -3.62
C CYS A 124 -14.37 -10.93 -4.92
N LYS A 125 -14.58 -12.10 -5.50
CA LYS A 125 -15.17 -12.19 -6.82
C LYS A 125 -16.61 -11.70 -6.96
N GLY A 126 -17.38 -11.83 -5.90
CA GLY A 126 -18.73 -11.23 -5.91
C GLY A 126 -19.88 -11.99 -6.57
N HIS A 127 -19.62 -13.18 -7.08
CA HIS A 127 -20.71 -14.03 -7.54
C HIS A 127 -21.50 -14.53 -6.34
N PRO A 128 -22.69 -15.11 -6.57
CA PRO A 128 -23.56 -15.55 -5.51
C PRO A 128 -23.00 -16.51 -4.44
N LEU A 129 -21.95 -17.28 -4.74
CA LEU A 129 -21.35 -18.19 -3.79
C LEU A 129 -19.93 -17.77 -3.38
N SER A 130 -19.61 -16.49 -3.62
CA SER A 130 -18.27 -15.99 -3.39
C SER A 130 -18.03 -15.66 -1.90
N GLU A 131 -19.11 -15.51 -1.14
CA GLU A 131 -18.96 -15.13 0.28
C GLU A 131 -19.90 -16.00 1.05
N LEU A 132 -19.33 -16.86 1.88
CA LEU A 132 -20.13 -17.85 2.63
C LEU A 132 -19.75 -17.95 4.10
N SER A 133 -20.76 -18.05 4.93
CA SER A 133 -20.57 -18.09 6.35
C SER A 133 -20.88 -19.51 6.81
N ARG A 134 -20.04 -20.08 7.70
CA ARG A 134 -20.24 -21.40 8.20
C ARG A 134 -19.94 -21.44 9.69
N LYS A 135 -20.83 -22.09 10.45
CA LYS A 135 -20.67 -22.31 11.89
C LYS A 135 -20.43 -23.82 12.10
N ILE A 136 -19.33 -24.18 12.72
CA ILE A 136 -18.97 -25.59 12.83
C ILE A 136 -19.12 -25.96 14.29
N VAL A 137 -19.92 -27.01 14.54
CA VAL A 137 -20.10 -27.51 15.87
C VAL A 137 -19.70 -28.96 15.74
N ALA A 138 -18.65 -29.38 16.42
CA ALA A 138 -18.30 -30.80 16.33
C ALA A 138 -19.27 -31.58 17.21
N MET B 1 25.30 -38.51 3.33
CA MET B 1 24.83 -37.12 3.64
C MET B 1 25.70 -36.44 4.72
N LYS B 2 26.02 -35.16 4.51
CA LYS B 2 26.82 -34.39 5.47
C LYS B 2 25.99 -33.18 5.88
N MET B 3 25.82 -32.92 7.17
CA MET B 3 24.99 -31.79 7.59
C MET B 3 25.73 -30.93 8.57
N LEU B 4 25.53 -29.62 8.42
CA LEU B 4 25.95 -28.68 9.45
C LEU B 4 24.69 -28.01 10.01
N LEU B 5 24.47 -28.16 11.32
CA LEU B 5 23.23 -27.69 11.91
C LEU B 5 23.60 -26.49 12.78
N ILE B 6 22.90 -25.39 12.57
CA ILE B 6 23.28 -24.18 13.29
C ILE B 6 22.06 -23.61 13.99
N HIS B 7 22.16 -23.41 15.32
CA HIS B 7 21.06 -22.84 16.07
C HIS B 7 21.12 -21.36 15.90
N SER B 8 20.09 -20.81 15.22
CA SER B 8 20.15 -19.45 14.70
C SER B 8 19.05 -18.54 15.20
N ASP B 9 19.36 -17.26 15.33
CA ASP B 9 18.36 -16.23 15.73
C ASP B 9 17.42 -16.02 14.55
N TYR B 10 18.00 -16.19 13.36
CA TYR B 10 17.29 -16.00 12.08
C TYR B 10 18.10 -16.55 10.93
N LEU B 11 17.39 -16.90 9.87
CA LEU B 11 18.03 -17.18 8.61
C LEU B 11 17.17 -16.50 7.57
N GLU B 12 17.83 -15.78 6.67
CA GLU B 12 17.16 -15.19 5.52
C GLU B 12 17.98 -15.49 4.31
N PHE B 13 17.31 -15.55 3.17
CA PHE B 13 18.02 -15.74 1.91
C PHE B 13 17.25 -15.03 0.82
N GLU B 14 17.95 -14.85 -0.29
CA GLU B 14 17.33 -14.27 -1.50
C GLU B 14 18.07 -14.81 -2.72
N ALA B 15 17.34 -15.48 -3.61
CA ALA B 15 17.90 -16.08 -4.83
C ALA B 15 18.20 -14.98 -5.77
N LYS B 16 19.35 -15.09 -6.42
CA LYS B 16 19.86 -13.97 -7.21
C LYS B 16 20.06 -14.31 -8.67
N GLU B 17 20.72 -15.43 -8.93
CA GLU B 17 21.06 -15.85 -10.28
C GLU B 17 20.89 -17.36 -10.35
N LYS B 18 20.39 -17.89 -11.47
CA LYS B 18 20.29 -19.36 -11.53
C LYS B 18 21.52 -20.09 -12.09
N THR B 19 21.87 -21.22 -11.46
CA THR B 19 22.93 -22.09 -12.04
C THR B 19 22.29 -22.88 -13.20
N LYS B 20 23.09 -23.71 -13.86
CA LYS B 20 22.52 -24.49 -14.95
C LYS B 20 21.60 -25.62 -14.49
N ILE B 21 21.61 -25.92 -13.18
CA ILE B 21 20.70 -26.91 -12.60
C ILE B 21 19.76 -26.34 -11.50
N ALA B 22 19.32 -25.10 -11.67
CA ALA B 22 18.39 -24.44 -10.74
C ALA B 22 16.99 -25.07 -10.70
N GLU B 23 16.44 -25.28 -9.50
CA GLU B 23 15.05 -25.79 -9.45
C GLU B 23 14.06 -24.70 -9.83
N GLU B 24 13.00 -25.04 -10.55
CA GLU B 24 11.98 -24.03 -10.81
C GLU B 24 11.19 -23.81 -9.52
N THR B 25 11.06 -22.56 -9.13
CA THR B 25 10.34 -22.23 -7.89
C THR B 25 9.92 -20.79 -7.91
N GLU B 26 8.97 -20.46 -7.04
CA GLU B 26 8.64 -19.07 -6.80
C GLU B 26 9.08 -18.61 -5.42
N ASN B 27 9.58 -19.56 -4.65
CA ASN B 27 10.11 -19.28 -3.32
C ASN B 27 11.54 -18.75 -3.42
N LEU B 28 11.66 -17.50 -3.85
CA LEU B 28 12.99 -16.97 -4.15
C LEU B 28 13.56 -16.11 -3.04
N LYS B 29 12.72 -15.76 -2.10
CA LYS B 29 13.20 -15.04 -0.94
C LYS B 29 12.50 -15.75 0.25
N GLY B 30 13.14 -15.83 1.40
CA GLY B 30 12.47 -16.42 2.55
C GLY B 30 13.20 -16.02 3.82
N LYS B 31 12.51 -16.14 4.93
CA LYS B 31 13.07 -15.84 6.24
C LYS B 31 12.46 -16.78 7.25
N LEU B 32 13.22 -17.15 8.30
CA LEU B 32 12.64 -17.87 9.41
C LEU B 32 13.51 -17.56 10.59
N ASP B 33 12.85 -17.13 11.67
CA ASP B 33 13.51 -16.80 12.95
C ASP B 33 13.56 -17.95 13.95
N GLU B 34 14.51 -17.87 14.90
CA GLU B 34 14.66 -18.84 16.01
C GLU B 34 14.60 -20.31 15.55
N CYS B 35 15.58 -20.71 14.76
CA CYS B 35 15.44 -21.93 13.96
C CYS B 35 16.71 -22.69 14.03
N LEU B 36 16.65 -23.92 13.58
CA LEU B 36 17.81 -24.75 13.44
C LEU B 36 18.00 -24.75 11.93
N ALA B 37 19.13 -24.18 11.47
CA ALA B 37 19.44 -24.10 10.05
C ALA B 37 20.31 -25.29 9.65
N CYS B 38 19.78 -26.12 8.71
CA CYS B 38 20.43 -27.39 8.41
C CYS B 38 21.04 -27.20 7.03
N PHE B 39 22.38 -27.05 6.99
CA PHE B 39 23.11 -26.99 5.68
C PHE B 39 23.43 -28.42 5.30
N ILE B 40 22.93 -28.89 4.15
CA ILE B 40 22.98 -30.30 3.81
C ILE B 40 23.62 -30.48 2.47
N ALA B 41 24.58 -31.42 2.43
CA ALA B 41 25.15 -31.93 1.19
C ALA B 41 24.64 -33.37 1.00
N VAL B 42 23.97 -33.62 -0.13
CA VAL B 42 23.48 -34.96 -0.44
C VAL B 42 24.58 -35.70 -1.22
N GLU B 43 24.98 -36.85 -0.72
CA GLU B 43 26.19 -37.56 -1.19
C GLU B 43 25.95 -38.79 -2.05
N ARG B 44 26.99 -39.17 -2.78
CA ARG B 44 26.97 -40.38 -3.62
C ARG B 44 26.35 -41.62 -2.92
N GLU B 45 26.75 -41.87 -1.68
CA GLU B 45 26.19 -43.00 -0.90
C GLU B 45 24.68 -42.95 -0.64
N ASP B 46 24.10 -41.74 -0.64
CA ASP B 46 22.71 -41.58 -0.43
C ASP B 46 21.90 -42.06 -1.64
N GLU B 47 22.55 -42.19 -2.80
CA GLU B 47 21.86 -42.81 -3.94
C GLU B 47 21.40 -44.25 -3.74
N ASN B 48 22.10 -44.97 -2.88
CA ASN B 48 21.72 -46.33 -2.49
C ASN B 48 20.31 -46.45 -1.88
N ASN B 49 19.91 -45.48 -1.06
CA ASN B 49 18.66 -45.55 -0.34
C ASN B 49 18.20 -44.12 -0.02
N PRO B 50 17.72 -43.39 -1.03
CA PRO B 50 17.34 -41.96 -0.82
C PRO B 50 16.21 -41.76 0.20
N GLU B 51 15.28 -42.71 0.26
CA GLU B 51 14.21 -42.64 1.26
C GLU B 51 14.78 -42.82 2.64
N GLY B 52 15.66 -43.81 2.76
CA GLY B 52 16.29 -44.13 4.04
C GLY B 52 17.25 -43.03 4.50
N THR B 53 17.86 -42.35 3.54
CA THR B 53 18.73 -41.20 3.85
C THR B 53 17.93 -40.07 4.43
N ALA B 54 16.78 -39.77 3.81
CA ALA B 54 15.89 -38.71 4.32
C ALA B 54 15.38 -39.02 5.73
N ILE B 55 15.03 -40.30 5.99
CA ILE B 55 14.51 -40.67 7.32
C ILE B 55 15.59 -40.51 8.36
N GLY B 56 16.81 -40.93 7.99
CA GLY B 56 17.98 -40.77 8.85
C GLY B 56 18.28 -39.31 9.22
N ALA B 57 18.16 -38.43 8.23
CA ALA B 57 18.43 -37.02 8.39
C ALA B 57 17.36 -36.43 9.30
N VAL B 58 16.12 -36.87 9.14
CA VAL B 58 15.01 -36.29 9.93
C VAL B 58 15.21 -36.71 11.37
N GLU B 59 15.58 -37.96 11.55
CA GLU B 59 15.87 -38.48 12.89
C GLU B 59 16.88 -37.61 13.62
N GLU B 60 17.99 -37.27 12.96
CA GLU B 60 19.03 -36.44 13.56
C GLU B 60 18.54 -35.02 13.80
N ILE B 61 17.83 -34.46 12.84
CA ILE B 61 17.32 -33.09 13.00
C ILE B 61 16.31 -33.02 14.15
N GLU B 62 15.41 -33.99 14.24
CA GLU B 62 14.45 -33.97 15.36
C GLU B 62 15.16 -34.06 16.70
N LYS B 63 16.22 -34.85 16.75
CA LYS B 63 16.98 -35.11 18.00
C LYS B 63 17.54 -33.77 18.50
N VAL B 64 18.11 -33.03 17.55
CA VAL B 64 18.72 -31.78 17.90
C VAL B 64 17.69 -30.75 18.19
N ALA B 65 16.64 -30.65 17.36
CA ALA B 65 15.63 -29.61 17.60
C ALA B 65 14.91 -29.85 18.92
N ASN B 66 14.79 -31.12 19.28
CA ASN B 66 14.19 -31.45 20.60
C ASN B 66 15.05 -31.04 21.76
N GLN B 67 16.35 -31.19 21.57
CA GLN B 67 17.32 -30.72 22.56
C GLN B 67 17.33 -29.21 22.64
N LEU B 68 17.20 -28.54 21.50
CA LEU B 68 17.14 -27.08 21.50
C LEU B 68 15.78 -26.47 21.85
N LYS B 69 14.72 -27.28 21.84
CA LYS B 69 13.33 -26.86 22.02
C LYS B 69 12.95 -25.81 21.01
N VAL B 70 13.26 -26.09 19.74
CA VAL B 70 12.83 -25.24 18.65
C VAL B 70 11.95 -26.08 17.73
N ASN B 71 11.00 -25.42 17.09
CA ASN B 71 10.09 -26.06 16.14
C ASN B 71 10.26 -25.58 14.70
N ASN B 72 11.25 -24.71 14.49
CA ASN B 72 11.50 -24.04 13.20
C ASN B 72 12.79 -24.56 12.59
N ILE B 73 12.71 -25.04 11.33
CA ILE B 73 13.84 -25.71 10.65
C ILE B 73 14.03 -25.10 9.25
N VAL B 74 15.28 -24.76 8.88
CA VAL B 74 15.61 -24.42 7.52
C VAL B 74 16.36 -25.60 6.94
N VAL B 75 15.92 -26.00 5.76
CA VAL B 75 16.65 -27.00 4.95
C VAL B 75 17.38 -26.23 3.83
N TYR B 76 18.69 -26.24 3.85
CA TYR B 76 19.47 -25.34 3.01
C TYR B 76 20.50 -26.17 2.26
N PRO B 77 20.31 -26.32 0.96
CA PRO B 77 21.28 -27.18 0.24
C PRO B 77 22.65 -26.54 0.29
N TYR B 78 23.70 -27.31 0.53
CA TYR B 78 25.03 -26.72 0.65
C TYR B 78 26.09 -27.68 0.17
N ALA B 79 26.36 -27.63 -1.13
CA ALA B 79 27.24 -28.63 -1.74
C ALA B 79 28.70 -28.63 -1.24
N HIS B 80 29.16 -27.51 -0.71
CA HIS B 80 30.58 -27.44 -0.22
C HIS B 80 30.91 -28.36 0.91
N LEU B 81 29.89 -28.86 1.60
CA LEU B 81 30.13 -29.78 2.71
C LEU B 81 30.62 -31.15 2.30
N SER B 82 30.47 -31.53 1.03
CA SER B 82 30.98 -32.84 0.60
C SER B 82 31.79 -32.76 -0.69
N SER B 83 32.85 -33.59 -0.78
CA SER B 83 33.59 -33.81 -2.05
C SER B 83 32.94 -34.87 -2.95
N ASP B 84 31.99 -35.65 -2.40
CA ASP B 84 31.46 -36.80 -3.14
C ASP B 84 29.95 -36.68 -3.31
N LEU B 85 29.55 -35.78 -4.20
CA LEU B 85 28.12 -35.33 -4.20
C LEU B 85 27.25 -36.34 -4.96
N SER B 86 26.00 -36.44 -4.55
CA SER B 86 24.97 -37.21 -5.31
C SER B 86 24.67 -36.50 -6.60
N SER B 87 23.84 -37.10 -7.43
CA SER B 87 23.27 -36.40 -8.56
C SER B 87 22.31 -35.31 -8.07
N PRO B 88 22.13 -34.25 -8.85
CA PRO B 88 21.21 -33.18 -8.46
C PRO B 88 19.78 -33.74 -8.34
N GLU B 89 19.46 -34.78 -9.11
CA GLU B 89 18.07 -35.31 -9.01
C GLU B 89 17.78 -35.94 -7.65
N THR B 90 18.75 -36.73 -7.20
CA THR B 90 18.71 -37.35 -5.88
C THR B 90 18.76 -36.32 -4.77
N ALA B 91 19.63 -35.33 -4.87
CA ALA B 91 19.73 -34.30 -3.81
C ALA B 91 18.35 -33.61 -3.66
N VAL B 92 17.73 -33.26 -4.79
CA VAL B 92 16.44 -32.62 -4.71
C VAL B 92 15.36 -33.50 -4.07
N LYS B 93 15.28 -34.75 -4.49
CA LYS B 93 14.30 -35.66 -3.98
C LYS B 93 14.50 -35.85 -2.46
N VAL B 94 15.76 -35.97 -2.01
CA VAL B 94 16.11 -36.10 -0.57
C VAL B 94 15.72 -34.86 0.23
N LEU B 95 16.05 -33.69 -0.30
CA LEU B 95 15.75 -32.44 0.43
C LEU B 95 14.26 -32.17 0.50
N LYS B 96 13.54 -32.46 -0.58
CA LYS B 96 12.09 -32.34 -0.54
C LYS B 96 11.46 -33.29 0.44
N ASP B 97 11.97 -34.52 0.53
CA ASP B 97 11.46 -35.55 1.44
C ASP B 97 11.66 -35.20 2.93
N ILE B 98 12.87 -34.68 3.23
CA ILE B 98 13.19 -34.13 4.55
C ILE B 98 12.17 -33.04 4.87
N GLU B 99 11.93 -32.11 3.93
CA GLU B 99 11.00 -31.02 4.18
C GLU B 99 9.57 -31.58 4.45
N SER B 100 9.13 -32.50 3.60
CA SER B 100 7.78 -33.09 3.70
C SER B 100 7.58 -33.88 5.02
N ILE B 101 8.55 -34.72 5.39
CA ILE B 101 8.51 -35.46 6.65
C ILE B 101 8.38 -34.51 7.85
N LEU B 102 9.21 -33.48 7.86
CA LEU B 102 9.26 -32.57 9.00
C LEU B 102 7.95 -31.85 9.11
N LYS B 103 7.32 -31.49 7.98
CA LYS B 103 6.08 -30.69 8.08
C LYS B 103 4.98 -31.56 8.66
N GLU B 104 4.98 -32.80 8.25
CA GLU B 104 4.06 -33.80 8.75
C GLU B 104 4.16 -34.03 10.22
N ARG B 105 5.38 -33.92 10.74
CA ARG B 105 5.62 -33.98 12.18
C ARG B 105 5.48 -32.64 12.89
N GLY B 106 4.94 -31.65 12.20
CA GLY B 106 4.49 -30.40 12.84
C GLY B 106 5.51 -29.28 12.96
N TYR B 107 6.69 -29.48 12.39
CA TYR B 107 7.67 -28.39 12.24
C TYR B 107 7.26 -27.35 11.22
N ASN B 108 7.66 -26.09 11.49
CA ASN B 108 7.62 -25.06 10.48
C ASN B 108 8.92 -25.17 9.67
N VAL B 109 8.82 -25.36 8.36
CA VAL B 109 10.04 -25.64 7.57
C VAL B 109 10.18 -24.70 6.41
N LEU B 110 11.33 -24.04 6.30
CA LEU B 110 11.66 -23.18 5.14
C LEU B 110 12.72 -23.96 4.35
N ARG B 111 12.46 -24.26 3.07
CA ARG B 111 13.49 -24.90 2.28
C ARG B 111 13.99 -23.94 1.19
N ALA B 112 15.30 -23.70 1.17
CA ALA B 112 15.93 -22.73 0.29
C ALA B 112 16.07 -23.38 -1.07
N PRO B 113 16.00 -22.57 -2.14
CA PRO B 113 15.95 -23.11 -3.50
C PRO B 113 17.27 -23.78 -3.94
N PHE B 114 17.15 -24.96 -4.54
CA PHE B 114 18.31 -25.72 -4.95
C PHE B 114 18.88 -25.19 -6.28
N GLY B 115 20.21 -25.08 -6.41
CA GLY B 115 20.81 -24.71 -7.70
C GLY B 115 20.74 -23.25 -8.12
N TRP B 116 20.46 -22.38 -7.17
CA TRP B 116 20.50 -20.93 -7.44
C TRP B 116 21.63 -20.38 -6.60
N TYR B 117 22.28 -19.32 -7.05
CA TYR B 117 23.16 -18.59 -6.20
C TYR B 117 22.32 -17.74 -5.27
N LYS B 118 22.59 -17.78 -3.96
CA LYS B 118 21.71 -17.00 -3.06
C LYS B 118 22.48 -16.16 -2.10
N ALA B 119 22.01 -14.92 -1.92
CA ALA B 119 22.49 -14.12 -0.78
C ALA B 119 21.90 -14.79 0.42
N PHE B 120 22.54 -14.71 1.58
CA PHE B 120 21.87 -15.17 2.77
C PHE B 120 22.38 -14.44 4.02
N LYS B 121 21.65 -14.49 5.12
CA LYS B 121 22.14 -13.95 6.37
C LYS B 121 21.82 -14.94 7.43
N ILE B 122 22.70 -15.11 8.41
CA ILE B 122 22.38 -15.98 9.51
C ILE B 122 23.05 -15.39 10.75
N SER B 123 22.48 -15.70 11.91
CA SER B 123 23.07 -15.31 13.19
C SER B 123 23.09 -16.53 14.11
N CYS B 124 24.25 -17.15 14.31
CA CYS B 124 24.47 -18.32 15.16
C CYS B 124 24.55 -17.88 16.61
N LYS B 125 23.80 -18.56 17.46
CA LYS B 125 23.63 -18.17 18.87
C LYS B 125 24.91 -18.36 19.68
N GLY B 126 25.78 -19.28 19.22
CA GLY B 126 27.14 -19.40 19.73
C GLY B 126 27.38 -20.25 20.96
N HIS B 127 26.31 -20.78 21.58
CA HIS B 127 26.47 -21.72 22.71
C HIS B 127 27.07 -23.05 22.27
N PRO B 128 27.53 -23.86 23.24
CA PRO B 128 28.14 -25.12 22.85
C PRO B 128 27.38 -26.12 21.99
N LEU B 129 26.05 -26.09 21.97
CA LEU B 129 25.29 -26.94 21.03
C LEU B 129 24.76 -26.18 19.76
N SER B 130 25.41 -25.07 19.39
CA SER B 130 24.86 -24.25 18.33
C SER B 130 25.39 -24.52 16.93
N GLU B 131 26.47 -25.30 16.84
CA GLU B 131 27.10 -25.65 15.54
C GLU B 131 27.48 -27.10 15.58
N LEU B 132 26.68 -27.93 14.91
CA LEU B 132 26.89 -29.35 14.98
C LEU B 132 27.19 -29.93 13.62
N SER B 133 28.18 -30.82 13.60
CA SER B 133 28.52 -31.52 12.39
C SER B 133 27.97 -32.95 12.49
N ARG B 134 27.28 -33.38 11.44
CA ARG B 134 26.65 -34.72 11.45
C ARG B 134 26.77 -35.44 10.11
N LYS B 135 27.25 -36.67 10.17
CA LYS B 135 27.30 -37.57 9.02
C LYS B 135 26.13 -38.53 9.16
N ILE B 136 25.23 -38.51 8.19
CA ILE B 136 24.01 -39.26 8.25
C ILE B 136 24.12 -40.40 7.24
N VAL B 137 23.86 -41.62 7.68
CA VAL B 137 23.62 -42.74 6.74
C VAL B 137 22.52 -43.64 7.31
N MET C 1 44.47 -28.77 4.38
CA MET C 1 43.61 -27.68 4.92
C MET C 1 42.34 -27.54 4.08
N LYS C 2 41.19 -27.26 4.71
CA LYS C 2 39.99 -26.97 3.92
C LYS C 2 39.56 -25.56 4.29
N MET C 3 39.20 -24.77 3.30
CA MET C 3 38.72 -23.37 3.51
C MET C 3 37.43 -23.17 2.75
N LEU C 4 36.51 -22.43 3.38
CA LEU C 4 35.30 -21.93 2.74
C LEU C 4 35.40 -20.38 2.80
N LEU C 5 35.47 -19.74 1.65
CA LEU C 5 35.64 -18.25 1.56
C LEU C 5 34.32 -17.65 1.15
N ILE C 6 33.78 -16.75 1.98
CA ILE C 6 32.47 -16.17 1.73
C ILE C 6 32.63 -14.67 1.67
N HIS C 7 32.23 -14.10 0.55
CA HIS C 7 32.33 -12.69 0.33
C HIS C 7 31.13 -12.14 1.04
N SER C 8 31.37 -11.27 2.02
CA SER C 8 30.30 -10.90 2.90
C SER C 8 30.12 -9.42 3.04
N ASP C 9 28.86 -9.03 3.24
CA ASP C 9 28.54 -7.65 3.61
C ASP C 9 29.22 -7.29 4.94
N TYR C 10 29.19 -8.24 5.88
CA TYR C 10 29.76 -8.08 7.21
C TYR C 10 29.95 -9.43 7.89
N LEU C 11 30.81 -9.48 8.89
CA LEU C 11 30.93 -10.66 9.76
C LEU C 11 31.17 -10.10 11.12
N GLU C 12 30.39 -10.58 12.11
CA GLU C 12 30.55 -10.17 13.48
C GLU C 12 30.70 -11.45 14.30
N PHE C 13 31.42 -11.39 15.42
CA PHE C 13 31.42 -12.53 16.32
C PHE C 13 31.53 -12.10 17.78
N GLU C 14 31.16 -13.00 18.68
CA GLU C 14 31.32 -12.74 20.11
C GLU C 14 31.64 -14.07 20.78
N ALA C 15 32.81 -14.15 21.46
CA ALA C 15 33.18 -15.40 22.18
C ALA C 15 32.25 -15.64 23.39
N LYS C 16 31.82 -16.89 23.62
CA LYS C 16 30.72 -17.18 24.57
C LYS C 16 31.15 -18.11 25.69
N GLU C 17 31.81 -19.21 25.36
CA GLU C 17 32.36 -20.17 26.34
C GLU C 17 33.73 -20.66 25.92
N LYS C 18 34.56 -21.01 26.90
CA LYS C 18 35.86 -21.53 26.57
C LYS C 18 35.90 -23.06 26.50
N THR C 19 36.93 -23.60 25.86
CA THR C 19 37.27 -25.02 25.95
C THR C 19 38.67 -25.16 26.55
N LYS C 20 39.09 -26.41 26.71
CA LYS C 20 40.43 -26.77 27.14
C LYS C 20 41.50 -26.05 26.34
N ILE C 21 41.22 -25.85 25.04
CA ILE C 21 42.22 -25.31 24.12
C ILE C 21 41.88 -23.89 23.75
N ALA C 22 41.00 -23.23 24.50
CA ALA C 22 40.72 -21.82 24.14
C ALA C 22 41.99 -20.96 24.27
N GLU C 23 42.22 -20.14 23.26
CA GLU C 23 43.36 -19.27 23.22
C GLU C 23 43.22 -18.14 24.24
N GLU C 24 44.37 -17.71 24.75
CA GLU C 24 44.45 -16.56 25.65
C GLU C 24 44.27 -15.33 24.76
N THR C 25 43.17 -14.60 24.93
CA THR C 25 42.84 -13.48 24.04
C THR C 25 42.25 -12.25 24.74
N GLU C 26 42.52 -11.04 24.23
CA GLU C 26 42.04 -9.79 24.88
C GLU C 26 40.80 -9.17 24.25
N ASN C 27 40.37 -9.74 23.14
CA ASN C 27 39.09 -9.35 22.52
C ASN C 27 38.08 -10.50 22.30
N LEU C 28 37.01 -10.49 23.09
CA LEU C 28 35.96 -11.47 22.94
C LEU C 28 35.09 -11.21 21.73
N LYS C 29 35.12 -9.99 21.17
CA LYS C 29 34.19 -9.64 20.11
C LYS C 29 34.87 -8.96 18.93
N GLY C 30 34.22 -9.00 17.78
CA GLY C 30 34.87 -8.46 16.62
C GLY C 30 33.92 -8.35 15.43
N LYS C 31 34.16 -7.37 14.61
CA LYS C 31 33.27 -7.11 13.50
C LYS C 31 34.11 -6.55 12.34
N LEU C 32 33.77 -6.94 11.11
CA LEU C 32 34.40 -6.40 9.94
C LEU C 32 33.38 -6.27 8.86
N ASP C 33 33.35 -5.16 8.16
CA ASP C 33 32.48 -5.14 7.00
C ASP C 33 33.17 -5.35 5.64
N GLU C 34 32.34 -5.54 4.63
CA GLU C 34 32.78 -5.71 3.27
C GLU C 34 34.03 -6.62 3.21
N CYS C 35 33.88 -7.89 3.61
CA CYS C 35 35.06 -8.71 3.85
C CYS C 35 34.99 -10.06 3.17
N LEU C 36 36.15 -10.70 3.03
CA LEU C 36 36.18 -12.12 2.61
C LEU C 36 36.36 -12.87 3.91
N ALA C 37 35.29 -13.54 4.34
CA ALA C 37 35.36 -14.40 5.53
C ALA C 37 35.91 -15.77 5.13
N CYS C 38 37.04 -16.12 5.72
CA CYS C 38 37.75 -17.36 5.44
C CYS C 38 37.56 -18.32 6.60
N PHE C 39 36.71 -19.33 6.42
CA PHE C 39 36.47 -20.36 7.43
C PHE C 39 37.46 -21.48 7.13
N ILE C 40 38.27 -21.88 8.10
CA ILE C 40 39.44 -22.73 7.88
C ILE C 40 39.53 -23.86 8.86
N ALA C 41 39.66 -25.08 8.33
CA ALA C 41 39.99 -26.24 9.09
C ALA C 41 41.40 -26.67 8.79
N VAL C 42 42.25 -26.68 9.81
CA VAL C 42 43.62 -27.16 9.59
C VAL C 42 43.63 -28.69 9.73
N GLU C 43 44.25 -29.37 8.80
CA GLU C 43 44.19 -30.83 8.74
C GLU C 43 45.49 -31.51 9.10
N ARG C 44 45.39 -32.82 9.31
CA ARG C 44 46.47 -33.61 9.85
C ARG C 44 47.68 -33.48 8.93
N GLU C 45 47.48 -33.68 7.62
CA GLU C 45 48.61 -33.58 6.68
C GLU C 45 49.38 -32.24 6.76
N ASP C 46 48.70 -31.18 7.18
CA ASP C 46 49.36 -29.89 7.41
C ASP C 46 50.48 -29.88 8.50
N GLU C 47 50.48 -30.88 9.38
CA GLU C 47 51.48 -31.01 10.45
C GLU C 47 52.86 -31.31 9.84
N ASN C 48 52.85 -31.77 8.59
CA ASN C 48 54.13 -32.12 7.95
C ASN C 48 54.86 -30.90 7.45
N ASN C 49 54.10 -29.82 7.20
CA ASN C 49 54.65 -28.56 6.70
C ASN C 49 53.77 -27.36 7.06
N PRO C 50 53.75 -26.97 8.35
CA PRO C 50 52.86 -25.84 8.79
C PRO C 50 53.21 -24.53 8.05
N GLU C 51 54.49 -24.29 7.80
CA GLU C 51 54.90 -23.04 7.19
C GLU C 51 54.38 -22.98 5.76
N GLY C 52 54.53 -24.09 5.03
CA GLY C 52 54.11 -24.10 3.63
C GLY C 52 52.58 -24.14 3.53
N THR C 53 51.95 -24.73 4.52
CA THR C 53 50.51 -24.69 4.58
C THR C 53 50.02 -23.23 4.71
N ALA C 54 50.58 -22.46 5.64
CA ALA C 54 50.09 -21.07 5.81
C ALA C 54 50.35 -20.23 4.56
N ILE C 55 51.53 -20.38 3.98
CA ILE C 55 51.85 -19.69 2.77
C ILE C 55 50.89 -20.05 1.59
N GLY C 56 50.58 -21.33 1.43
CA GLY C 56 49.59 -21.75 0.42
C GLY C 56 48.20 -21.19 0.69
N ALA C 57 47.79 -21.23 1.97
CA ALA C 57 46.53 -20.62 2.40
C ALA C 57 46.50 -19.13 2.03
N VAL C 58 47.56 -18.41 2.38
CA VAL C 58 47.62 -16.98 2.05
C VAL C 58 47.55 -16.75 0.53
N GLU C 59 48.22 -17.58 -0.24
CA GLU C 59 48.24 -17.36 -1.68
C GLU C 59 46.85 -17.42 -2.26
N GLU C 60 46.05 -18.41 -1.85
CA GLU C 60 44.67 -18.57 -2.32
C GLU C 60 43.75 -17.47 -1.81
N ILE C 61 43.88 -17.08 -0.55
CA ILE C 61 43.09 -15.98 -0.05
C ILE C 61 43.34 -14.68 -0.84
N GLU C 62 44.60 -14.33 -1.04
CA GLU C 62 44.99 -13.16 -1.80
C GLU C 62 44.45 -13.26 -3.22
N LYS C 63 44.50 -14.44 -3.81
CA LYS C 63 43.96 -14.60 -5.17
C LYS C 63 42.50 -14.16 -5.24
N VAL C 64 41.71 -14.66 -4.30
CA VAL C 64 40.30 -14.44 -4.31
C VAL C 64 40.02 -12.97 -3.95
N ALA C 65 40.66 -12.47 -2.88
CA ALA C 65 40.42 -11.07 -2.45
C ALA C 65 40.80 -10.11 -3.60
N ASN C 66 41.85 -10.44 -4.31
CA ASN C 66 42.22 -9.55 -5.39
C ASN C 66 41.20 -9.59 -6.52
N GLN C 67 40.67 -10.76 -6.85
CA GLN C 67 39.65 -10.84 -7.89
C GLN C 67 38.35 -10.10 -7.49
N LEU C 68 38.03 -10.14 -6.21
CA LEU C 68 36.77 -9.57 -5.72
C LEU C 68 36.97 -8.13 -5.31
N LYS C 69 38.22 -7.66 -5.38
CA LYS C 69 38.57 -6.32 -4.96
C LYS C 69 38.23 -6.05 -3.48
N VAL C 70 38.76 -6.88 -2.59
CA VAL C 70 38.45 -6.83 -1.17
C VAL C 70 39.75 -6.69 -0.40
N ASN C 71 39.82 -5.80 0.58
CA ASN C 71 41.02 -5.66 1.42
C ASN C 71 40.81 -6.08 2.84
N ASN C 72 39.55 -6.39 3.22
CA ASN C 72 39.22 -6.80 4.58
C ASN C 72 39.06 -8.31 4.67
N ILE C 73 39.79 -8.96 5.58
CA ILE C 73 39.81 -10.43 5.61
C ILE C 73 39.48 -10.84 7.04
N VAL C 74 38.60 -11.83 7.18
CA VAL C 74 38.44 -12.48 8.45
C VAL C 74 39.01 -13.91 8.38
N VAL C 75 39.83 -14.25 9.36
CA VAL C 75 40.39 -15.61 9.45
C VAL C 75 39.57 -16.25 10.59
N TYR C 76 38.75 -17.22 10.25
CA TYR C 76 37.75 -17.81 11.19
C TYR C 76 38.06 -19.30 11.36
N PRO C 77 38.62 -19.70 12.52
CA PRO C 77 38.85 -21.12 12.66
C PRO C 77 37.51 -21.81 12.55
N TYR C 78 37.46 -22.90 11.77
CA TYR C 78 36.20 -23.63 11.60
C TYR C 78 36.43 -25.16 11.45
N ALA C 79 36.56 -25.84 12.59
CA ALA C 79 36.91 -27.25 12.60
C ALA C 79 35.93 -28.14 11.87
N HIS C 80 34.67 -27.73 11.81
CA HIS C 80 33.62 -28.57 11.23
C HIS C 80 33.77 -28.82 9.79
N LEU C 81 34.62 -28.05 9.14
CA LEU C 81 34.91 -28.26 7.71
C LEU C 81 35.65 -29.55 7.37
N SER C 82 36.30 -30.18 8.34
CA SER C 82 37.08 -31.40 8.08
C SER C 82 36.93 -32.42 9.19
N SER C 83 36.87 -33.69 8.78
CA SER C 83 36.92 -34.73 9.75
C SER C 83 38.35 -35.29 9.91
N ASP C 84 39.35 -34.69 9.24
CA ASP C 84 40.73 -35.09 9.39
C ASP C 84 41.60 -33.99 10.04
N LEU C 85 41.24 -33.54 11.23
CA LEU C 85 41.87 -32.33 11.79
C LEU C 85 43.31 -32.48 12.23
N SER C 86 44.05 -31.38 12.21
CA SER C 86 45.33 -31.43 12.84
C SER C 86 45.13 -31.32 14.34
N SER C 87 46.22 -31.52 15.05
CA SER C 87 46.33 -31.17 16.44
C SER C 87 46.01 -29.69 16.63
N PRO C 88 45.43 -29.35 17.79
CA PRO C 88 45.16 -27.95 18.09
C PRO C 88 46.44 -27.08 18.13
N GLU C 89 47.57 -27.64 18.58
CA GLU C 89 48.79 -26.83 18.52
C GLU C 89 49.22 -26.47 17.06
N THR C 90 49.17 -27.45 16.16
CA THR C 90 49.44 -27.16 14.77
C THR C 90 48.42 -26.19 14.21
N ALA C 91 47.13 -26.44 14.46
CA ALA C 91 46.02 -25.58 13.92
C ALA C 91 46.23 -24.10 14.33
N VAL C 92 46.48 -23.84 15.62
CA VAL C 92 46.49 -22.41 16.08
C VAL C 92 47.74 -21.73 15.54
N LYS C 93 48.82 -22.49 15.41
CA LYS C 93 50.05 -21.98 14.84
C LYS C 93 49.84 -21.54 13.39
N VAL C 94 49.24 -22.44 12.58
CA VAL C 94 48.92 -22.08 11.16
C VAL C 94 47.97 -20.89 11.02
N LEU C 95 46.93 -20.88 11.85
CA LEU C 95 45.99 -19.78 11.84
C LEU C 95 46.60 -18.44 12.21
N LYS C 96 47.49 -18.41 13.21
CA LYS C 96 48.12 -17.16 13.60
C LYS C 96 49.08 -16.69 12.51
N ASP C 97 49.77 -17.62 11.83
CA ASP C 97 50.73 -17.29 10.78
C ASP C 97 49.97 -16.72 9.58
N ILE C 98 48.83 -17.32 9.25
CA ILE C 98 48.03 -16.74 8.16
C ILE C 98 47.62 -15.31 8.53
N GLU C 99 47.14 -15.09 9.74
CA GLU C 99 46.78 -13.71 10.12
C GLU C 99 47.96 -12.77 9.99
N SER C 100 49.11 -13.14 10.59
CA SER C 100 50.27 -12.24 10.55
C SER C 100 50.81 -11.99 9.13
N ILE C 101 50.86 -13.01 8.30
CA ILE C 101 51.31 -12.81 6.95
C ILE C 101 50.42 -11.85 6.14
N LEU C 102 49.09 -12.01 6.25
CA LEU C 102 48.15 -11.12 5.61
C LEU C 102 48.27 -9.67 6.10
N LYS C 103 48.40 -9.48 7.41
CA LYS C 103 48.58 -8.18 8.01
C LYS C 103 49.87 -7.54 7.49
N GLU C 104 50.89 -8.35 7.26
CA GLU C 104 52.21 -7.86 6.82
C GLU C 104 52.07 -7.43 5.36
N ARG C 105 51.20 -8.12 4.67
CA ARG C 105 50.87 -7.84 3.27
C ARG C 105 49.87 -6.67 3.01
N GLY C 106 49.44 -6.04 4.08
CA GLY C 106 48.70 -4.77 4.01
C GLY C 106 47.20 -4.98 4.01
N TYR C 107 46.76 -6.23 4.22
CA TYR C 107 45.34 -6.46 4.42
C TYR C 107 44.84 -6.00 5.78
N ASN C 108 43.55 -5.68 5.87
CA ASN C 108 42.91 -5.40 7.18
C ASN C 108 42.28 -6.71 7.64
N VAL C 109 42.79 -7.30 8.72
CA VAL C 109 42.47 -8.72 9.08
C VAL C 109 41.95 -8.80 10.48
N LEU C 110 40.91 -9.61 10.67
CA LEU C 110 40.31 -9.86 11.95
C LEU C 110 40.37 -11.38 12.04
N ARG C 111 41.07 -11.88 13.06
CA ARG C 111 41.13 -13.31 13.36
C ARG C 111 40.26 -13.59 14.56
N ALA C 112 39.31 -14.50 14.40
CA ALA C 112 38.45 -14.90 15.54
C ALA C 112 39.24 -15.79 16.48
N PRO C 113 38.94 -15.76 17.79
CA PRO C 113 39.69 -16.57 18.75
C PRO C 113 39.51 -18.08 18.58
N PHE C 114 40.62 -18.80 18.72
CA PHE C 114 40.70 -20.23 18.52
C PHE C 114 40.23 -20.95 19.77
N GLY C 115 39.41 -22.01 19.61
CA GLY C 115 39.00 -22.87 20.73
C GLY C 115 37.99 -22.27 21.69
N TRP C 116 37.35 -21.19 21.27
CA TRP C 116 36.18 -20.63 22.01
C TRP C 116 34.96 -20.96 21.23
N TYR C 117 33.85 -21.23 21.94
CA TYR C 117 32.59 -21.25 21.24
C TYR C 117 32.21 -19.79 20.95
N LYS C 118 31.77 -19.46 19.74
CA LYS C 118 31.44 -18.06 19.44
C LYS C 118 30.08 -17.94 18.79
N ALA C 119 29.33 -16.88 19.13
CA ALA C 119 28.20 -16.43 18.35
C ALA C 119 28.77 -15.79 17.10
N PHE C 120 28.10 -15.87 15.98
CA PHE C 120 28.60 -15.03 14.86
C PHE C 120 27.41 -14.64 14.02
N LYS C 121 27.60 -13.56 13.25
CA LYS C 121 26.62 -13.13 12.27
C LYS C 121 27.32 -12.93 10.94
N ILE C 122 26.69 -13.35 9.84
CA ILE C 122 27.26 -13.14 8.52
C ILE C 122 26.17 -12.85 7.51
N SER C 123 26.52 -12.12 6.47
CA SER C 123 25.59 -11.88 5.37
C SER C 123 26.43 -12.10 4.15
N CYS C 124 26.08 -13.10 3.36
CA CYS C 124 26.78 -13.50 2.15
C CYS C 124 26.16 -12.72 0.99
N LYS C 125 27.00 -12.14 0.12
CA LYS C 125 26.56 -11.35 -1.06
C LYS C 125 25.71 -12.11 -2.11
N GLY C 126 25.96 -13.39 -2.28
CA GLY C 126 25.16 -14.24 -3.16
C GLY C 126 25.54 -14.25 -4.64
N HIS C 127 26.58 -13.50 -5.02
CA HIS C 127 26.99 -13.58 -6.42
C HIS C 127 27.69 -14.89 -6.68
N PRO C 128 27.89 -15.25 -7.97
CA PRO C 128 28.44 -16.56 -8.32
C PRO C 128 29.80 -16.84 -7.75
N LEU C 129 30.51 -15.78 -7.34
CA LEU C 129 31.83 -15.99 -6.74
C LEU C 129 31.90 -15.74 -5.24
N SER C 130 30.73 -15.71 -4.59
CA SER C 130 30.65 -15.27 -3.20
C SER C 130 30.83 -16.43 -2.22
N GLU C 131 30.88 -17.69 -2.67
CA GLU C 131 30.99 -18.84 -1.78
C GLU C 131 31.89 -19.82 -2.46
N LEU C 132 33.16 -19.79 -2.05
CA LEU C 132 34.21 -20.62 -2.58
C LEU C 132 34.80 -21.68 -1.68
N SER C 133 35.01 -22.88 -2.22
CA SER C 133 35.56 -23.97 -1.45
C SER C 133 36.97 -24.21 -1.94
N ARG C 134 37.93 -24.33 -1.02
CA ARG C 134 39.30 -24.53 -1.41
C ARG C 134 39.97 -25.60 -0.56
N LYS C 135 40.66 -26.50 -1.24
CA LYS C 135 41.54 -27.42 -0.58
C LYS C 135 42.98 -26.90 -0.75
N ILE C 136 43.70 -26.83 0.35
CA ILE C 136 45.07 -26.31 0.39
C ILE C 136 46.02 -27.39 0.88
N VAL C 137 47.10 -27.58 0.14
CA VAL C 137 48.16 -28.52 0.49
C VAL C 137 49.48 -27.77 0.30
N ALA C 138 50.36 -27.86 1.29
CA ALA C 138 51.64 -27.19 1.24
C ALA C 138 52.38 -27.56 -0.07
N LYS C 139 52.93 -26.54 -0.71
CA LYS C 139 53.63 -26.67 -2.01
C LYS C 139 54.75 -27.71 -1.94
N MET D 1 -26.83 -5.49 17.16
CA MET D 1 -25.96 -5.20 15.97
C MET D 1 -24.52 -5.67 16.25
N LYS D 2 -23.88 -6.24 15.22
CA LYS D 2 -22.52 -6.67 15.24
C LYS D 2 -21.77 -5.89 14.17
N MET D 3 -20.61 -5.38 14.53
CA MET D 3 -19.85 -4.58 13.59
C MET D 3 -18.41 -5.04 13.49
N LEU D 4 -17.84 -5.02 12.29
CA LEU D 4 -16.43 -5.31 12.22
C LEU D 4 -15.80 -4.08 11.54
N LEU D 5 -14.96 -3.36 12.26
CA LEU D 5 -14.39 -2.14 11.75
C LEU D 5 -12.98 -2.39 11.24
N ILE D 6 -12.72 -2.05 9.97
CA ILE D 6 -11.41 -2.32 9.39
C ILE D 6 -10.76 -1.05 8.84
N HIS D 7 -9.59 -0.72 9.36
CA HIS D 7 -8.84 0.48 8.91
C HIS D 7 -8.11 0.19 7.65
N SER D 8 -8.54 0.86 6.58
CA SER D 8 -8.13 0.45 5.21
C SER D 8 -7.41 1.51 4.37
N ASP D 9 -6.44 1.10 3.58
CA ASP D 9 -5.89 1.98 2.52
C ASP D 9 -6.96 2.31 1.52
N TYR D 10 -7.84 1.33 1.27
CA TYR D 10 -9.01 1.56 0.43
C TYR D 10 -10.04 0.45 0.59
N LEU D 11 -11.27 0.75 0.18
CA LEU D 11 -12.34 -0.23 0.07
C LEU D 11 -12.96 0.08 -1.32
N GLU D 12 -13.09 -0.93 -2.20
CA GLU D 12 -13.80 -0.70 -3.48
C GLU D 12 -14.89 -1.73 -3.63
N PHE D 13 -16.02 -1.40 -4.25
CA PHE D 13 -16.97 -2.45 -4.59
C PHE D 13 -17.60 -2.19 -5.96
N GLU D 14 -18.15 -3.27 -6.48
CA GLU D 14 -19.00 -3.21 -7.68
C GLU D 14 -20.18 -4.19 -7.49
N ALA D 15 -21.40 -3.66 -7.56
CA ALA D 15 -22.61 -4.51 -7.55
C ALA D 15 -22.67 -5.34 -8.85
N LYS D 16 -23.05 -6.62 -8.70
CA LYS D 16 -22.96 -7.56 -9.82
C LYS D 16 -24.33 -8.13 -10.14
N GLU D 17 -25.00 -8.58 -9.09
CA GLU D 17 -26.23 -9.31 -9.25
C GLU D 17 -27.16 -8.88 -8.12
N LYS D 18 -28.43 -8.78 -8.45
CA LYS D 18 -29.46 -8.33 -7.55
C LYS D 18 -29.95 -9.58 -6.81
N THR D 19 -30.02 -9.54 -5.46
CA THR D 19 -30.79 -10.54 -4.70
C THR D 19 -32.29 -10.21 -4.77
N LYS D 20 -33.12 -11.09 -4.22
CA LYS D 20 -34.57 -10.81 -4.18
C LYS D 20 -34.98 -9.64 -3.24
N ILE D 21 -34.05 -9.16 -2.40
CA ILE D 21 -34.31 -8.04 -1.49
C ILE D 21 -33.35 -6.83 -1.74
N ALA D 22 -32.99 -6.60 -2.99
CA ALA D 22 -32.05 -5.53 -3.31
C ALA D 22 -32.64 -4.16 -3.14
N GLU D 23 -31.84 -3.23 -2.65
CA GLU D 23 -32.21 -1.83 -2.47
C GLU D 23 -32.12 -1.22 -3.88
N GLU D 24 -33.10 -0.42 -4.28
CA GLU D 24 -33.00 0.34 -5.53
C GLU D 24 -32.00 1.45 -5.34
N THR D 25 -31.02 1.55 -6.22
CA THR D 25 -30.04 2.64 -6.17
C THR D 25 -29.28 2.84 -7.49
N GLU D 26 -28.60 3.97 -7.62
CA GLU D 26 -27.58 4.17 -8.70
C GLU D 26 -26.14 4.07 -8.23
N ASN D 27 -25.98 4.01 -6.92
CA ASN D 27 -24.68 3.78 -6.32
C ASN D 27 -24.23 2.31 -6.48
N LEU D 28 -23.96 1.90 -7.72
CA LEU D 28 -23.59 0.48 -7.96
C LEU D 28 -22.08 0.19 -7.97
N LYS D 29 -21.24 1.22 -7.93
CA LYS D 29 -19.79 1.11 -7.91
C LYS D 29 -19.30 2.19 -7.02
N GLY D 30 -18.30 1.88 -6.21
CA GLY D 30 -17.80 2.93 -5.33
C GLY D 30 -16.45 2.58 -4.75
N LYS D 31 -15.73 3.60 -4.30
CA LYS D 31 -14.42 3.42 -3.69
C LYS D 31 -14.20 4.54 -2.68
N LEU D 32 -13.54 4.22 -1.55
CA LEU D 32 -13.20 5.22 -0.55
C LEU D 32 -11.84 4.88 -0.03
N ASP D 33 -10.95 5.86 0.00
CA ASP D 33 -9.56 5.64 0.48
C ASP D 33 -9.43 5.99 1.95
N GLU D 34 -8.33 5.54 2.56
CA GLU D 34 -7.99 5.89 3.94
C GLU D 34 -9.22 5.94 4.80
N CYS D 35 -9.89 4.80 4.91
CA CYS D 35 -11.20 4.82 5.51
C CYS D 35 -11.24 3.77 6.61
N LEU D 36 -12.28 3.90 7.41
CA LEU D 36 -12.72 2.89 8.29
C LEU D 36 -13.92 2.18 7.63
N ALA D 37 -13.68 0.95 7.25
CA ALA D 37 -14.69 0.17 6.57
C ALA D 37 -15.47 -0.55 7.65
N CYS D 38 -16.74 -0.22 7.72
CA CYS D 38 -17.65 -0.69 8.74
C CYS D 38 -18.59 -1.74 8.22
N PHE D 39 -18.26 -3.01 8.46
CA PHE D 39 -19.12 -4.10 7.99
C PHE D 39 -20.15 -4.39 9.07
N ILE D 40 -21.42 -4.34 8.72
CA ILE D 40 -22.45 -4.28 9.76
C ILE D 40 -23.59 -5.27 9.57
N ALA D 41 -23.85 -6.10 10.57
CA ALA D 41 -25.05 -6.93 10.56
C ALA D 41 -26.04 -6.34 11.55
N VAL D 42 -27.22 -5.98 11.07
CA VAL D 42 -28.31 -5.48 11.95
C VAL D 42 -29.07 -6.68 12.45
N GLU D 43 -29.12 -6.82 13.78
CA GLU D 43 -29.69 -8.00 14.42
C GLU D 43 -31.15 -7.79 14.91
N ARG D 44 -31.84 -8.90 15.17
CA ARG D 44 -33.28 -8.82 15.45
C ARG D 44 -33.50 -8.01 16.70
N GLU D 45 -32.54 -8.04 17.63
CA GLU D 45 -32.70 -7.25 18.88
C GLU D 45 -32.78 -5.77 18.63
N ASP D 46 -32.23 -5.36 17.48
CA ASP D 46 -32.18 -3.97 17.10
C ASP D 46 -33.54 -3.48 16.70
N GLU D 47 -34.48 -4.44 16.51
CA GLU D 47 -35.86 -4.14 16.16
C GLU D 47 -36.54 -3.34 17.30
N ASN D 48 -36.20 -3.61 18.56
CA ASN D 48 -36.80 -2.91 19.69
C ASN D 48 -36.47 -1.42 19.79
N ASN D 49 -35.37 -1.01 19.14
CA ASN D 49 -34.86 0.36 19.25
C ASN D 49 -33.84 0.66 18.11
N PRO D 50 -34.35 0.81 16.87
CA PRO D 50 -33.51 1.16 15.73
C PRO D 50 -32.78 2.46 15.90
N GLU D 51 -33.43 3.46 16.51
CA GLU D 51 -32.74 4.72 16.76
C GLU D 51 -31.53 4.63 17.70
N GLY D 52 -31.68 3.96 18.85
CA GLY D 52 -30.62 3.87 19.85
C GLY D 52 -29.47 3.03 19.23
N THR D 53 -29.86 2.09 18.40
CA THR D 53 -28.89 1.20 17.80
C THR D 53 -27.97 1.99 16.86
N ALA D 54 -28.55 2.84 16.01
CA ALA D 54 -27.75 3.65 15.05
C ALA D 54 -26.87 4.63 15.84
N ILE D 55 -27.45 5.26 16.87
CA ILE D 55 -26.68 6.13 17.78
C ILE D 55 -25.53 5.41 18.46
N GLY D 56 -25.84 4.22 18.99
CA GLY D 56 -24.83 3.34 19.61
C GLY D 56 -23.73 3.00 18.62
N ALA D 57 -24.12 2.68 17.38
CA ALA D 57 -23.16 2.32 16.34
C ALA D 57 -22.18 3.46 16.05
N VAL D 58 -22.76 4.63 15.84
CA VAL D 58 -22.01 5.83 15.44
C VAL D 58 -21.04 6.19 16.56
N GLU D 59 -21.50 6.06 17.81
CA GLU D 59 -20.63 6.31 18.94
C GLU D 59 -19.36 5.47 18.92
N GLU D 60 -19.53 4.17 18.61
CA GLU D 60 -18.39 3.31 18.48
C GLU D 60 -17.50 3.64 17.30
N ILE D 61 -18.09 3.99 16.18
CA ILE D 61 -17.32 4.38 14.99
C ILE D 61 -16.48 5.62 15.31
N GLU D 62 -17.07 6.58 16.01
CA GLU D 62 -16.43 7.81 16.32
C GLU D 62 -15.21 7.62 17.21
N LYS D 63 -15.31 6.70 18.16
CA LYS D 63 -14.24 6.47 19.10
C LYS D 63 -13.03 5.95 18.34
N VAL D 64 -13.28 5.05 17.40
CA VAL D 64 -12.16 4.52 16.58
C VAL D 64 -11.61 5.53 15.60
N ALA D 65 -12.51 6.17 14.84
CA ALA D 65 -12.07 7.15 13.86
C ALA D 65 -11.30 8.27 14.52
N ASN D 66 -11.67 8.66 15.74
CA ASN D 66 -10.95 9.74 16.41
C ASN D 66 -9.58 9.28 16.83
N GLN D 67 -9.46 8.00 17.22
CA GLN D 67 -8.17 7.50 17.69
C GLN D 67 -7.23 7.46 16.52
N LEU D 68 -7.74 7.03 15.38
CA LEU D 68 -6.91 6.82 14.21
C LEU D 68 -6.80 8.02 13.30
N LYS D 69 -7.52 9.12 13.62
CA LYS D 69 -7.55 10.32 12.76
C LYS D 69 -8.08 10.04 11.36
N VAL D 70 -9.20 9.33 11.32
CA VAL D 70 -9.90 9.00 10.10
C VAL D 70 -11.21 9.77 9.94
N ASN D 71 -11.45 10.31 8.74
CA ASN D 71 -12.70 11.01 8.42
C ASN D 71 -13.62 10.33 7.41
N ASN D 72 -13.12 9.26 6.83
CA ASN D 72 -13.80 8.56 5.74
C ASN D 72 -14.32 7.21 6.20
N ILE D 73 -15.60 6.94 5.97
CA ILE D 73 -16.27 5.79 6.58
C ILE D 73 -17.09 5.10 5.52
N VAL D 74 -16.89 3.78 5.40
CA VAL D 74 -17.74 2.98 4.57
C VAL D 74 -18.74 2.25 5.44
N VAL D 75 -19.99 2.33 5.06
CA VAL D 75 -21.06 1.59 5.78
C VAL D 75 -21.38 0.45 4.84
N TYR D 76 -21.01 -0.75 5.25
CA TYR D 76 -21.13 -1.89 4.33
C TYR D 76 -21.99 -2.99 5.00
N PRO D 77 -23.19 -3.21 4.42
CA PRO D 77 -24.13 -4.22 4.95
C PRO D 77 -23.43 -5.58 4.86
N TYR D 78 -23.30 -6.30 5.99
CA TYR D 78 -22.64 -7.60 6.00
C TYR D 78 -23.38 -8.59 6.92
N ALA D 79 -24.32 -9.31 6.32
CA ALA D 79 -25.18 -10.23 7.10
C ALA D 79 -24.37 -11.35 7.78
N HIS D 80 -23.22 -11.76 7.22
CA HIS D 80 -22.52 -12.92 7.72
C HIS D 80 -21.98 -12.73 9.12
N LEU D 81 -21.93 -11.50 9.63
CA LEU D 81 -21.45 -11.28 11.01
C LEU D 81 -22.37 -11.77 12.09
N SER D 82 -23.64 -12.03 11.75
CA SER D 82 -24.59 -12.47 12.76
C SER D 82 -25.49 -13.52 12.20
N SER D 83 -25.87 -14.47 13.07
CA SER D 83 -26.82 -15.53 12.75
C SER D 83 -28.24 -15.19 13.21
N ASP D 84 -28.42 -14.01 13.81
CA ASP D 84 -29.74 -13.62 14.26
C ASP D 84 -30.14 -12.26 13.69
N LEU D 85 -30.39 -12.24 12.37
CA LEU D 85 -30.60 -10.98 11.60
C LEU D 85 -31.95 -10.30 11.82
N SER D 86 -31.95 -8.99 11.67
CA SER D 86 -33.16 -8.20 11.66
C SER D 86 -33.90 -8.38 10.32
N SER D 87 -35.11 -7.87 10.22
CA SER D 87 -35.77 -7.79 8.91
C SER D 87 -34.95 -6.90 8.02
N PRO D 88 -35.10 -7.06 6.69
CA PRO D 88 -34.29 -6.20 5.77
C PRO D 88 -34.70 -4.76 5.88
N GLU D 89 -36.01 -4.51 6.14
CA GLU D 89 -36.56 -3.15 6.33
C GLU D 89 -35.87 -2.44 7.48
N THR D 90 -35.76 -3.12 8.63
CA THR D 90 -35.01 -2.58 9.79
C THR D 90 -33.53 -2.39 9.54
N ALA D 91 -32.91 -3.35 8.88
CA ALA D 91 -31.55 -3.24 8.51
C ALA D 91 -31.29 -1.98 7.68
N VAL D 92 -32.09 -1.73 6.63
CA VAL D 92 -31.81 -0.57 5.78
C VAL D 92 -32.08 0.71 6.57
N LYS D 93 -33.12 0.70 7.41
CA LYS D 93 -33.50 1.90 8.21
C LYS D 93 -32.29 2.31 9.05
N VAL D 94 -31.70 1.32 9.72
CA VAL D 94 -30.57 1.53 10.64
C VAL D 94 -29.32 1.95 9.85
N LEU D 95 -29.03 1.25 8.76
CA LEU D 95 -27.84 1.61 7.97
C LEU D 95 -27.96 3.03 7.41
N LYS D 96 -29.14 3.39 6.90
CA LYS D 96 -29.38 4.78 6.41
C LYS D 96 -29.21 5.81 7.54
N ASP D 97 -29.63 5.42 8.74
CA ASP D 97 -29.61 6.34 9.88
C ASP D 97 -28.15 6.56 10.28
N ILE D 98 -27.39 5.46 10.34
CA ILE D 98 -25.92 5.52 10.60
C ILE D 98 -25.24 6.51 9.63
N GLU D 99 -25.47 6.33 8.33
CA GLU D 99 -24.92 7.26 7.34
C GLU D 99 -25.30 8.76 7.61
N SER D 100 -26.59 9.04 7.79
CA SER D 100 -27.07 10.42 7.97
C SER D 100 -26.50 11.03 9.23
N ILE D 101 -26.44 10.26 10.30
CA ILE D 101 -25.81 10.75 11.54
C ILE D 101 -24.33 11.04 11.34
N LEU D 102 -23.61 10.11 10.72
CA LEU D 102 -22.19 10.40 10.46
C LEU D 102 -22.01 11.64 9.61
N LYS D 103 -22.87 11.81 8.60
CA LYS D 103 -22.81 12.94 7.69
C LYS D 103 -23.02 14.24 8.51
N GLU D 104 -23.91 14.21 9.50
CA GLU D 104 -24.15 15.41 10.31
C GLU D 104 -22.98 15.77 11.16
N ARG D 105 -22.20 14.75 11.56
CA ARG D 105 -21.00 14.91 12.38
C ARG D 105 -19.72 15.17 11.62
N GLY D 106 -19.80 15.39 10.31
CA GLY D 106 -18.67 15.83 9.54
C GLY D 106 -17.87 14.75 8.84
N TYR D 107 -18.32 13.49 8.98
CA TYR D 107 -17.65 12.38 8.31
C TYR D 107 -18.08 12.32 6.84
N ASN D 108 -17.19 11.84 5.97
CA ASN D 108 -17.57 11.49 4.60
C ASN D 108 -17.89 10.02 4.59
N VAL D 109 -19.04 9.68 4.05
CA VAL D 109 -19.49 8.29 4.10
C VAL D 109 -19.78 7.77 2.69
N LEU D 110 -19.38 6.51 2.47
CA LEU D 110 -19.76 5.80 1.27
C LEU D 110 -20.62 4.64 1.80
N ARG D 111 -21.83 4.49 1.29
CA ARG D 111 -22.70 3.37 1.76
C ARG D 111 -22.88 2.40 0.64
N ALA D 112 -22.43 1.15 0.86
CA ALA D 112 -22.55 0.08 -0.14
C ALA D 112 -23.98 -0.41 -0.23
N PRO D 113 -24.42 -0.82 -1.45
CA PRO D 113 -25.82 -1.17 -1.66
C PRO D 113 -26.25 -2.47 -0.95
N PHE D 114 -27.41 -2.40 -0.31
CA PHE D 114 -27.92 -3.49 0.49
C PHE D 114 -28.63 -4.48 -0.43
N GLY D 115 -28.38 -5.74 -0.19
CA GLY D 115 -29.05 -6.83 -0.92
C GLY D 115 -28.57 -7.01 -2.33
N TRP D 116 -27.37 -6.53 -2.65
CA TRP D 116 -26.75 -6.84 -3.96
C TRP D 116 -25.57 -7.74 -3.71
N TYR D 117 -25.34 -8.67 -4.62
CA TYR D 117 -24.09 -9.32 -4.66
C TYR D 117 -23.05 -8.34 -5.16
N LYS D 118 -21.95 -8.20 -4.43
CA LYS D 118 -20.88 -7.26 -4.80
C LYS D 118 -19.52 -7.91 -4.87
N ALA D 119 -18.73 -7.58 -5.90
CA ALA D 119 -17.30 -7.83 -5.88
C ALA D 119 -16.76 -6.74 -5.00
N PHE D 120 -15.69 -7.01 -4.26
CA PHE D 120 -15.07 -5.95 -3.51
C PHE D 120 -13.58 -6.18 -3.33
N LYS D 121 -12.89 -5.10 -2.99
CA LYS D 121 -11.45 -5.16 -2.77
C LYS D 121 -11.19 -4.34 -1.52
N ILE D 122 -10.31 -4.83 -0.65
CA ILE D 122 -9.99 -4.10 0.60
C ILE D 122 -8.50 -4.28 0.87
N SER D 123 -7.86 -3.25 1.39
CA SER D 123 -6.47 -3.40 1.86
C SER D 123 -6.46 -2.92 3.31
N CYS D 124 -6.26 -3.87 4.23
CA CYS D 124 -6.29 -3.58 5.70
C CYS D 124 -4.89 -3.23 6.18
N LYS D 125 -4.73 -2.11 6.88
CA LYS D 125 -3.38 -1.62 7.24
C LYS D 125 -2.55 -2.54 8.20
N GLY D 126 -3.21 -3.36 9.02
CA GLY D 126 -2.50 -4.41 9.75
C GLY D 126 -1.94 -4.10 11.15
N HIS D 127 -2.49 -3.11 11.83
CA HIS D 127 -1.95 -2.74 13.17
C HIS D 127 -2.93 -3.15 14.23
N PRO D 128 -2.56 -3.01 15.54
CA PRO D 128 -3.47 -3.55 16.57
C PRO D 128 -4.91 -3.03 16.62
N LEU D 129 -5.18 -1.81 16.09
CA LEU D 129 -6.54 -1.28 16.07
C LEU D 129 -7.08 -1.34 14.61
N SER D 130 -6.48 -2.18 13.79
CA SER D 130 -6.90 -2.12 12.36
C SER D 130 -8.13 -2.99 12.07
N GLU D 131 -8.49 -3.86 13.02
CA GLU D 131 -9.68 -4.72 12.85
C GLU D 131 -10.27 -4.81 14.25
N LEU D 132 -11.52 -4.42 14.36
CA LEU D 132 -12.24 -4.37 15.66
C LEU D 132 -13.61 -4.93 15.48
N SER D 133 -14.00 -5.78 16.40
CA SER D 133 -15.36 -6.25 16.46
C SER D 133 -16.05 -5.46 17.53
N ARG D 134 -17.29 -5.06 17.26
CA ARG D 134 -18.11 -4.37 18.25
C ARG D 134 -19.50 -4.98 18.27
N LYS D 135 -20.04 -5.11 19.48
CA LYS D 135 -21.43 -5.51 19.71
C LYS D 135 -22.14 -4.28 20.25
N ILE D 136 -23.23 -3.87 19.60
CA ILE D 136 -23.98 -2.69 20.02
C ILE D 136 -25.28 -3.28 20.58
N VAL D 137 -25.57 -2.88 21.81
CA VAL D 137 -26.89 -3.02 22.44
C VAL D 137 -27.42 -1.57 22.63
N ALA D 138 -28.55 -1.23 22.01
CA ALA D 138 -29.07 0.16 22.05
C ALA D 138 -29.43 0.69 23.45
N LYS D 139 -29.18 1.97 23.72
CA LYS D 139 -29.69 2.69 24.93
C LYS D 139 -30.99 3.42 24.61
N MET E 1 -6.15 20.72 -19.42
CA MET E 1 -7.27 21.20 -18.60
C MET E 1 -6.97 22.55 -17.98
N LYS E 2 -7.97 23.43 -17.99
CA LYS E 2 -7.86 24.73 -17.30
C LYS E 2 -8.95 24.79 -16.20
N MET E 3 -8.53 25.06 -14.95
CA MET E 3 -9.49 25.19 -13.83
C MET E 3 -9.48 26.59 -13.21
N LEU E 4 -10.64 27.05 -12.71
CA LEU E 4 -10.70 28.28 -11.91
C LEU E 4 -11.35 27.85 -10.63
N LEU E 5 -10.60 27.94 -9.55
CA LEU E 5 -11.11 27.36 -8.26
C LEU E 5 -11.53 28.56 -7.38
N ILE E 6 -12.75 28.54 -6.83
CA ILE E 6 -13.27 29.72 -6.08
C ILE E 6 -13.82 29.22 -4.77
N HIS E 7 -13.21 29.68 -3.68
CA HIS E 7 -13.68 29.36 -2.35
C HIS E 7 -14.88 30.21 -2.02
N SER E 8 -16.02 29.56 -1.82
CA SER E 8 -17.29 30.26 -1.83
C SER E 8 -18.16 30.07 -0.60
N ASP E 9 -18.89 31.12 -0.24
CA ASP E 9 -19.92 30.94 0.78
C ASP E 9 -20.98 29.93 0.30
N TYR E 10 -21.28 29.93 -1.00
CA TYR E 10 -22.23 28.98 -1.58
C TYR E 10 -22.11 28.94 -3.09
N LEU E 11 -22.50 27.82 -3.69
CA LEU E 11 -22.77 27.86 -5.12
C LEU E 11 -24.15 27.27 -5.36
N GLU E 12 -24.99 27.95 -6.13
CA GLU E 12 -26.24 27.32 -6.54
C GLU E 12 -26.42 27.40 -8.05
N PHE E 13 -27.03 26.38 -8.63
CA PHE E 13 -27.25 26.38 -10.07
C PHE E 13 -28.62 25.81 -10.44
N GLU E 14 -29.14 26.18 -11.62
CA GLU E 14 -30.38 25.61 -12.17
C GLU E 14 -30.28 25.53 -13.68
N ALA E 15 -30.37 24.31 -14.20
CA ALA E 15 -30.24 24.13 -15.66
C ALA E 15 -31.42 24.81 -16.33
N LYS E 16 -31.19 25.40 -17.49
CA LYS E 16 -32.23 26.19 -18.15
C LYS E 16 -32.60 25.59 -19.48
N GLU E 17 -31.63 25.56 -20.37
CA GLU E 17 -31.87 25.17 -21.75
C GLU E 17 -30.89 24.04 -22.05
N LYS E 18 -31.40 22.98 -22.70
CA LYS E 18 -30.61 21.85 -23.14
C LYS E 18 -29.83 22.22 -24.39
N THR E 19 -28.62 21.68 -24.58
CA THR E 19 -27.92 21.74 -25.88
C THR E 19 -27.94 20.36 -26.57
N LYS E 20 -27.52 20.31 -27.85
CA LYS E 20 -27.32 19.04 -28.54
C LYS E 20 -26.46 18.04 -27.72
N ILE E 21 -25.67 18.54 -26.79
CA ILE E 21 -24.78 17.66 -26.04
C ILE E 21 -25.17 17.54 -24.54
N ALA E 22 -26.38 17.88 -24.20
CA ALA E 22 -26.79 17.80 -22.80
C ALA E 22 -26.84 16.41 -22.26
N GLU E 23 -26.32 16.29 -21.05
CA GLU E 23 -26.23 15.07 -20.30
C GLU E 23 -27.62 14.59 -19.97
N GLU E 24 -27.85 13.28 -20.14
CA GLU E 24 -29.15 12.73 -19.83
C GLU E 24 -29.15 12.53 -18.33
N THR E 25 -29.64 13.55 -17.63
CA THR E 25 -29.65 13.54 -16.18
C THR E 25 -30.90 14.25 -15.69
N GLU E 26 -31.34 13.83 -14.49
CA GLU E 26 -32.44 14.47 -13.80
C GLU E 26 -31.91 15.43 -12.73
N ASN E 27 -30.62 15.35 -12.46
CA ASN E 27 -30.01 16.22 -11.47
C ASN E 27 -29.74 17.61 -12.07
N LEU E 28 -30.73 18.49 -12.02
CA LEU E 28 -30.74 19.72 -12.82
C LEU E 28 -30.68 20.99 -11.97
N LYS E 29 -30.78 20.81 -10.66
CA LYS E 29 -30.78 21.95 -9.74
C LYS E 29 -29.95 21.52 -8.57
N GLY E 30 -29.15 22.40 -8.00
CA GLY E 30 -28.40 22.04 -6.77
C GLY E 30 -27.77 23.22 -6.11
N LYS E 31 -27.30 23.02 -4.88
CA LYS E 31 -26.63 24.07 -4.11
C LYS E 31 -25.73 23.40 -3.10
N LEU E 32 -24.58 24.01 -2.85
CA LEU E 32 -23.72 23.54 -1.78
C LEU E 32 -23.16 24.76 -1.12
N ASP E 33 -23.20 24.72 0.21
CA ASP E 33 -22.61 25.78 1.06
C ASP E 33 -21.14 25.50 1.35
N GLU E 34 -20.38 26.55 1.67
CA GLU E 34 -18.97 26.41 2.13
C GLU E 34 -18.12 25.52 1.21
N CYS E 35 -17.96 25.93 -0.04
CA CYS E 35 -17.50 24.94 -0.99
C CYS E 35 -16.38 25.48 -1.78
N LEU E 36 -15.64 24.57 -2.40
CA LEU E 36 -14.68 25.01 -3.38
C LEU E 36 -15.36 24.79 -4.74
N ALA E 37 -15.75 25.87 -5.40
CA ALA E 37 -16.34 25.83 -6.72
C ALA E 37 -15.20 25.64 -7.74
N CYS E 38 -15.18 24.49 -8.39
CA CYS E 38 -14.20 24.19 -9.43
C CYS E 38 -14.80 24.33 -10.84
N PHE E 39 -14.49 25.42 -11.49
CA PHE E 39 -14.98 25.62 -12.89
C PHE E 39 -13.93 24.99 -13.76
N ILE E 40 -14.33 24.11 -14.67
CA ILE E 40 -13.31 23.25 -15.35
C ILE E 40 -13.56 23.17 -16.85
N ALA E 41 -12.51 23.50 -17.63
CA ALA E 41 -12.54 23.29 -19.11
C ALA E 41 -11.59 22.14 -19.46
N VAL E 42 -12.15 21.10 -20.11
CA VAL E 42 -11.33 19.96 -20.57
C VAL E 42 -10.74 20.34 -21.94
N GLU E 43 -9.44 20.18 -22.11
CA GLU E 43 -8.76 20.72 -23.29
C GLU E 43 -8.32 19.60 -24.22
N ARG E 44 -7.93 20.00 -25.42
CA ARG E 44 -7.72 19.06 -26.51
C ARG E 44 -6.65 18.05 -26.15
N GLU E 45 -5.54 18.51 -25.55
CA GLU E 45 -4.43 17.61 -25.20
C GLU E 45 -4.81 16.52 -24.17
N ASP E 46 -5.89 16.76 -23.39
CA ASP E 46 -6.33 15.81 -22.37
C ASP E 46 -6.98 14.58 -23.00
N GLU E 47 -7.38 14.68 -24.26
CA GLU E 47 -7.91 13.53 -25.01
C GLU E 47 -6.90 12.38 -25.08
N ASN E 48 -5.60 12.66 -25.00
CA ASN E 48 -4.61 11.56 -25.00
C ASN E 48 -4.51 10.74 -23.69
N ASN E 49 -4.82 11.36 -22.55
CA ASN E 49 -4.79 10.66 -21.29
C ASN E 49 -5.83 11.20 -20.35
N PRO E 50 -7.12 10.89 -20.61
CA PRO E 50 -8.16 11.44 -19.74
C PRO E 50 -8.04 10.97 -18.29
N GLU E 51 -7.75 9.68 -18.07
CA GLU E 51 -7.52 9.14 -16.71
C GLU E 51 -6.41 9.90 -15.98
N GLY E 52 -5.27 10.12 -16.64
CA GLY E 52 -4.14 10.83 -16.02
C GLY E 52 -4.53 12.27 -15.76
N THR E 53 -5.36 12.84 -16.64
CA THR E 53 -5.72 14.26 -16.50
C THR E 53 -6.67 14.40 -15.30
N ALA E 54 -7.60 13.46 -15.15
CA ALA E 54 -8.56 13.51 -14.04
C ALA E 54 -7.76 13.41 -12.76
N ILE E 55 -6.79 12.52 -12.72
CA ILE E 55 -5.98 12.31 -11.48
C ILE E 55 -5.18 13.59 -11.16
N GLY E 56 -4.67 14.26 -12.20
CA GLY E 56 -3.88 15.48 -12.04
C GLY E 56 -4.78 16.55 -11.44
N ALA E 57 -6.00 16.61 -11.90
CA ALA E 57 -6.96 17.61 -11.49
C ALA E 57 -7.32 17.42 -10.04
N VAL E 58 -7.56 16.15 -9.67
CA VAL E 58 -7.92 15.87 -8.30
C VAL E 58 -6.74 16.05 -7.33
N GLU E 59 -5.52 15.74 -7.77
CA GLU E 59 -4.33 15.93 -6.87
C GLU E 59 -4.30 17.43 -6.49
N GLU E 60 -4.54 18.32 -7.47
CA GLU E 60 -4.52 19.77 -7.21
C GLU E 60 -5.71 20.22 -6.38
N ILE E 61 -6.92 19.80 -6.73
CA ILE E 61 -8.13 20.14 -5.96
C ILE E 61 -7.99 19.73 -4.47
N GLU E 62 -7.48 18.52 -4.23
CA GLU E 62 -7.30 18.01 -2.90
C GLU E 62 -6.33 18.89 -2.10
N LYS E 63 -5.21 19.27 -2.72
CA LYS E 63 -4.25 20.11 -2.01
C LYS E 63 -4.85 21.47 -1.63
N VAL E 64 -5.63 22.06 -2.53
CA VAL E 64 -6.22 23.37 -2.30
C VAL E 64 -7.32 23.25 -1.25
N ALA E 65 -8.24 22.28 -1.39
CA ALA E 65 -9.32 22.05 -0.40
C ALA E 65 -8.76 21.79 1.00
N ASN E 66 -7.67 21.03 1.09
CA ASN E 66 -7.12 20.74 2.44
C ASN E 66 -6.46 21.98 3.03
N GLN E 67 -5.81 22.77 2.18
CA GLN E 67 -5.28 24.09 2.58
C GLN E 67 -6.35 25.02 3.10
N LEU E 68 -7.50 25.06 2.42
CA LEU E 68 -8.63 25.93 2.80
C LEU E 68 -9.56 25.30 3.84
N LYS E 69 -9.30 24.06 4.22
CA LYS E 69 -10.09 23.31 5.23
C LYS E 69 -11.54 23.13 4.79
N VAL E 70 -11.72 22.80 3.50
CA VAL E 70 -13.02 22.73 2.84
C VAL E 70 -13.28 21.26 2.51
N ASN E 71 -14.51 20.79 2.71
CA ASN E 71 -14.87 19.39 2.35
C ASN E 71 -15.88 19.29 1.19
N ASN E 72 -16.58 20.38 0.96
CA ASN E 72 -17.60 20.49 -0.06
C ASN E 72 -17.01 20.96 -1.38
N ILE E 73 -17.14 20.16 -2.43
CA ILE E 73 -16.57 20.52 -3.73
C ILE E 73 -17.69 20.54 -4.77
N VAL E 74 -17.70 21.53 -5.65
CA VAL E 74 -18.63 21.56 -6.81
C VAL E 74 -17.78 21.40 -8.04
N VAL E 75 -18.12 20.38 -8.84
CA VAL E 75 -17.50 20.26 -10.14
C VAL E 75 -18.40 20.91 -11.16
N TYR E 76 -17.90 21.98 -11.78
CA TYR E 76 -18.70 22.79 -12.69
C TYR E 76 -18.08 22.87 -14.09
N PRO E 77 -18.73 22.23 -15.09
CA PRO E 77 -18.19 22.31 -16.48
C PRO E 77 -18.20 23.76 -16.92
N TYR E 78 -17.10 24.29 -17.47
CA TYR E 78 -17.04 25.69 -17.86
C TYR E 78 -16.07 25.80 -18.99
N ALA E 79 -16.64 25.68 -20.19
CA ALA E 79 -15.81 25.55 -21.40
C ALA E 79 -15.10 26.90 -21.68
N HIS E 80 -15.64 27.99 -21.13
CA HIS E 80 -15.10 29.35 -21.33
C HIS E 80 -13.72 29.61 -20.86
N LEU E 81 -13.21 28.76 -19.98
CA LEU E 81 -11.84 28.90 -19.49
C LEU E 81 -10.76 28.54 -20.52
N SER E 82 -11.14 27.89 -21.59
CA SER E 82 -10.16 27.51 -22.60
C SER E 82 -10.68 27.76 -23.98
N SER E 83 -9.75 28.17 -24.86
CA SER E 83 -10.07 28.23 -26.28
C SER E 83 -9.61 26.96 -27.07
N ASP E 84 -9.05 25.98 -26.36
CA ASP E 84 -8.50 24.75 -26.98
C ASP E 84 -9.23 23.56 -26.40
N LEU E 85 -10.54 23.45 -26.62
CA LEU E 85 -11.35 22.40 -25.95
C LEU E 85 -11.22 21.01 -26.53
N SER E 86 -11.41 20.00 -25.69
CA SER E 86 -11.54 18.65 -26.14
C SER E 86 -12.95 18.49 -26.76
N SER E 87 -13.21 17.41 -27.50
CA SER E 87 -14.59 17.01 -27.81
C SER E 87 -15.47 16.93 -26.55
N PRO E 88 -16.78 17.15 -26.70
CA PRO E 88 -17.65 17.10 -25.55
C PRO E 88 -17.78 15.68 -24.97
N GLU E 89 -17.58 14.63 -25.79
CA GLU E 89 -17.63 13.26 -25.28
C GLU E 89 -16.47 12.90 -24.38
N THR E 90 -15.29 13.36 -24.78
CA THR E 90 -14.11 13.30 -23.96
C THR E 90 -14.32 14.09 -22.69
N ALA E 91 -14.89 15.29 -22.81
CA ALA E 91 -15.00 16.22 -21.67
C ALA E 91 -15.89 15.65 -20.58
N VAL E 92 -17.06 15.13 -20.96
CA VAL E 92 -17.97 14.59 -19.96
C VAL E 92 -17.32 13.42 -19.20
N LYS E 93 -16.62 12.55 -19.93
CA LYS E 93 -15.95 11.44 -19.34
C LYS E 93 -14.91 11.86 -18.30
N VAL E 94 -14.10 12.87 -18.65
CA VAL E 94 -13.09 13.41 -17.77
C VAL E 94 -13.80 13.99 -16.55
N LEU E 95 -14.83 14.77 -16.79
CA LEU E 95 -15.57 15.40 -15.65
C LEU E 95 -16.21 14.42 -14.66
N LYS E 96 -16.81 13.35 -15.18
CA LYS E 96 -17.42 12.35 -14.32
C LYS E 96 -16.29 11.65 -13.52
N ASP E 97 -15.13 11.39 -14.15
CA ASP E 97 -13.99 10.81 -13.47
C ASP E 97 -13.50 11.67 -12.32
N ILE E 98 -13.31 12.96 -12.60
CA ILE E 98 -12.94 13.92 -11.51
C ILE E 98 -13.93 13.86 -10.32
N GLU E 99 -15.23 13.89 -10.61
CA GLU E 99 -16.23 13.68 -9.53
C GLU E 99 -16.00 12.33 -8.79
N SER E 100 -15.85 11.26 -9.57
CA SER E 100 -15.61 9.93 -9.00
C SER E 100 -14.41 9.88 -8.09
N ILE E 101 -13.30 10.44 -8.56
CA ILE E 101 -12.06 10.34 -7.80
C ILE E 101 -12.09 11.22 -6.54
N LEU E 102 -12.68 12.40 -6.67
CA LEU E 102 -12.89 13.29 -5.51
C LEU E 102 -13.70 12.54 -4.42
N LYS E 103 -14.74 11.84 -4.83
CA LYS E 103 -15.46 10.99 -3.89
C LYS E 103 -14.57 9.90 -3.21
N GLU E 104 -13.64 9.31 -3.95
CA GLU E 104 -12.68 8.39 -3.33
C GLU E 104 -11.82 9.03 -2.27
N ARG E 105 -11.43 10.26 -2.52
CA ARG E 105 -10.54 10.93 -1.57
C ARG E 105 -11.23 11.35 -0.26
N GLY E 106 -12.55 11.48 -0.25
CA GLY E 106 -13.30 11.81 0.98
C GLY E 106 -14.02 13.14 0.95
N TYR E 107 -14.29 13.68 -0.26
CA TYR E 107 -15.08 14.90 -0.42
C TYR E 107 -16.59 14.69 -0.68
N ASN E 108 -17.39 15.66 -0.25
CA ASN E 108 -18.81 15.74 -0.51
C ASN E 108 -18.92 16.54 -1.79
N VAL E 109 -19.31 15.88 -2.86
CA VAL E 109 -19.12 16.45 -4.22
C VAL E 109 -20.45 16.63 -4.91
N LEU E 110 -20.64 17.80 -5.48
CA LEU E 110 -21.78 18.05 -6.36
C LEU E 110 -21.27 18.36 -7.77
N ARG E 111 -21.79 17.66 -8.78
CA ARG E 111 -21.39 17.98 -10.18
C ARG E 111 -22.57 18.58 -10.97
N ALA E 112 -22.37 19.77 -11.56
CA ALA E 112 -23.44 20.40 -12.35
C ALA E 112 -23.60 19.66 -13.69
N PRO E 113 -24.81 19.67 -14.26
CA PRO E 113 -25.08 18.90 -15.47
C PRO E 113 -24.23 19.41 -16.66
N PHE E 114 -23.68 18.47 -17.41
CA PHE E 114 -22.88 18.83 -18.55
C PHE E 114 -23.77 19.14 -19.76
N GLY E 115 -23.43 20.19 -20.47
CA GLY E 115 -24.07 20.48 -21.75
C GLY E 115 -25.44 21.15 -21.65
N TRP E 116 -25.78 21.67 -20.47
CA TRP E 116 -26.97 22.45 -20.24
C TRP E 116 -26.55 23.88 -19.95
N TYR E 117 -27.31 24.82 -20.46
CA TYR E 117 -27.19 26.20 -19.99
C TYR E 117 -27.76 26.25 -18.58
N LYS E 118 -27.05 26.93 -17.68
CA LYS E 118 -27.42 26.93 -16.28
C LYS E 118 -27.36 28.37 -15.77
N ALA E 119 -28.34 28.76 -14.99
CA ALA E 119 -28.24 29.99 -14.23
C ALA E 119 -27.41 29.56 -13.05
N PHE E 120 -26.58 30.44 -12.51
CA PHE E 120 -25.92 30.11 -11.28
C PHE E 120 -25.69 31.33 -10.40
N LYS E 121 -25.51 31.07 -9.10
CA LYS E 121 -25.14 32.13 -8.17
C LYS E 121 -23.96 31.68 -7.37
N ILE E 122 -23.05 32.59 -7.13
CA ILE E 122 -21.91 32.24 -6.30
C ILE E 122 -21.51 33.46 -5.45
N SER E 123 -20.91 33.19 -4.30
CA SER E 123 -20.42 34.22 -3.43
C SER E 123 -19.01 33.89 -3.06
N CYS E 124 -18.04 34.63 -3.60
CA CYS E 124 -16.64 34.35 -3.31
C CYS E 124 -16.24 35.06 -2.02
N LYS E 125 -15.49 34.35 -1.18
CA LYS E 125 -15.15 34.84 0.16
C LYS E 125 -14.14 35.97 0.16
N GLY E 126 -13.33 36.00 -0.87
CA GLY E 126 -12.47 37.17 -1.11
C GLY E 126 -11.18 37.23 -0.30
N HIS E 127 -10.86 36.21 0.50
CA HIS E 127 -9.51 36.15 1.09
C HIS E 127 -8.42 35.90 0.04
N PRO E 128 -7.15 36.05 0.43
CA PRO E 128 -6.09 36.00 -0.56
C PRO E 128 -5.87 34.65 -1.21
N LEU E 129 -6.35 33.58 -0.64
CA LEU E 129 -6.22 32.33 -1.39
C LEU E 129 -7.57 31.79 -1.90
N SER E 130 -8.53 32.67 -2.20
CA SER E 130 -9.88 32.18 -2.40
C SER E 130 -10.15 32.04 -3.88
N GLU E 131 -9.23 32.52 -4.71
CA GLU E 131 -9.43 32.42 -6.19
C GLU E 131 -8.12 31.97 -6.80
N LEU E 132 -8.14 30.84 -7.54
CA LEU E 132 -6.94 30.22 -8.11
C LEU E 132 -7.19 29.72 -9.51
N SER E 133 -6.22 29.94 -10.37
CA SER E 133 -6.30 29.41 -11.68
C SER E 133 -5.23 28.33 -11.75
N ARG E 134 -5.61 27.17 -12.32
CA ARG E 134 -4.68 26.05 -12.41
C ARG E 134 -4.80 25.37 -13.73
N LYS E 135 -3.67 25.28 -14.44
CA LYS E 135 -3.54 24.49 -15.69
C LYS E 135 -3.11 23.10 -15.26
N ILE E 136 -3.87 22.09 -15.69
CA ILE E 136 -3.57 20.71 -15.38
C ILE E 136 -3.15 19.90 -16.61
N VAL E 137 -1.98 19.27 -16.53
CA VAL E 137 -1.48 18.37 -17.57
C VAL E 137 -1.11 17.00 -16.95
N ALA E 138 -1.64 15.91 -17.53
CA ALA E 138 -1.34 14.54 -17.10
C ALA E 138 0.16 14.30 -16.98
N LYS E 139 0.58 13.71 -15.85
CA LYS E 139 1.96 13.24 -15.63
C LYS E 139 2.39 12.27 -16.73
N GLU E 140 3.58 12.53 -17.29
CA GLU E 140 4.16 11.74 -18.38
C GLU E 140 4.95 10.56 -17.82
N MET F 1 -5.01 40.84 -23.89
CA MET F 1 -6.12 40.94 -22.89
C MET F 1 -7.09 39.79 -22.99
N LYS F 2 -7.46 39.24 -21.86
CA LYS F 2 -8.49 38.23 -21.81
C LYS F 2 -9.68 38.69 -20.99
N MET F 3 -10.90 38.53 -21.54
CA MET F 3 -12.14 38.98 -20.88
C MET F 3 -13.08 37.81 -20.72
N LEU F 4 -13.89 37.81 -19.67
CA LEU F 4 -14.96 36.85 -19.51
C LEU F 4 -16.15 37.73 -19.11
N LEU F 5 -17.19 37.73 -19.94
CA LEU F 5 -18.32 38.66 -19.84
C LEU F 5 -19.48 37.82 -19.39
N ILE F 6 -20.15 38.25 -18.33
CA ILE F 6 -21.27 37.42 -17.84
C ILE F 6 -22.44 38.36 -17.65
N HIS F 7 -23.54 38.07 -18.38
CA HIS F 7 -24.81 38.75 -18.16
C HIS F 7 -25.38 38.34 -16.83
N SER F 8 -25.57 39.31 -15.93
CA SER F 8 -25.89 38.99 -14.53
C SER F 8 -27.14 39.71 -14.03
N ASP F 9 -27.87 39.04 -13.11
CA ASP F 9 -28.98 39.75 -12.43
C ASP F 9 -28.40 40.85 -11.56
N TYR F 10 -27.22 40.56 -10.99
CA TYR F 10 -26.48 41.51 -10.16
C TYR F 10 -25.06 41.08 -9.99
N LEU F 11 -24.19 42.07 -9.79
CA LEU F 11 -22.83 41.84 -9.30
C LEU F 11 -22.64 42.72 -8.07
N GLU F 12 -22.14 42.17 -6.96
CA GLU F 12 -21.78 42.98 -5.79
C GLU F 12 -20.34 42.69 -5.43
N PHE F 13 -19.60 43.67 -4.89
CA PHE F 13 -18.21 43.37 -4.42
C PHE F 13 -17.89 44.18 -3.19
N GLU F 14 -16.92 43.71 -2.43
CA GLU F 14 -16.46 44.40 -1.20
C GLU F 14 -15.01 44.10 -1.03
N ALA F 15 -14.16 45.14 -1.07
CA ALA F 15 -12.71 44.98 -0.96
C ALA F 15 -12.37 44.51 0.44
N LYS F 16 -11.45 43.55 0.52
CA LYS F 16 -10.90 43.14 1.84
C LYS F 16 -9.44 43.61 1.91
N GLU F 17 -8.47 42.70 1.79
CA GLU F 17 -7.05 43.08 1.96
C GLU F 17 -6.49 43.82 0.75
N LYS F 18 -5.58 44.75 0.99
CA LYS F 18 -4.91 45.40 -0.13
C LYS F 18 -3.62 44.66 -0.44
N THR F 19 -3.15 44.76 -1.67
CA THR F 19 -1.84 44.22 -2.01
C THR F 19 -0.91 45.46 -2.06
N LYS F 20 0.39 45.25 -2.29
CA LYS F 20 1.32 46.36 -2.50
C LYS F 20 1.00 47.21 -3.75
N ILE F 21 0.09 46.74 -4.62
CA ILE F 21 -0.27 47.47 -5.86
C ILE F 21 -1.70 48.01 -5.84
N ALA F 22 -2.30 48.00 -4.64
CA ALA F 22 -3.65 48.51 -4.41
C ALA F 22 -3.81 49.95 -4.86
N GLU F 23 -4.91 50.20 -5.56
CA GLU F 23 -5.27 51.53 -5.99
C GLU F 23 -5.77 52.33 -4.79
N GLU F 24 -5.32 53.58 -4.70
CA GLU F 24 -5.80 54.49 -3.66
C GLU F 24 -7.19 54.99 -4.05
N THR F 25 -8.20 54.45 -3.38
CA THR F 25 -9.57 54.81 -3.67
C THR F 25 -10.46 54.59 -2.45
N GLU F 26 -11.58 55.32 -2.44
CA GLU F 26 -12.67 55.10 -1.51
C GLU F 26 -13.77 54.23 -2.12
N ASN F 27 -13.71 53.99 -3.44
CA ASN F 27 -14.74 53.19 -4.11
C ASN F 27 -14.49 51.69 -3.92
N LEU F 28 -14.80 51.24 -2.70
CA LEU F 28 -14.37 49.91 -2.19
C LEU F 28 -15.46 48.84 -2.10
N LYS F 29 -16.71 49.29 -2.10
CA LYS F 29 -17.90 48.43 -2.08
C LYS F 29 -18.83 48.92 -3.18
N GLY F 30 -19.52 48.02 -3.86
CA GLY F 30 -20.54 48.50 -4.82
C GLY F 30 -21.37 47.38 -5.38
N LYS F 31 -22.47 47.76 -6.05
CA LYS F 31 -23.36 46.80 -6.72
C LYS F 31 -23.96 47.42 -7.96
N LEU F 32 -24.24 46.58 -8.96
CA LEU F 32 -24.98 46.98 -10.15
C LEU F 32 -25.92 45.83 -10.51
N ASP F 33 -27.21 46.10 -10.66
CA ASP F 33 -28.21 45.15 -11.20
C ASP F 33 -28.24 45.09 -12.71
N GLU F 34 -28.73 43.97 -13.25
CA GLU F 34 -28.99 43.80 -14.68
C GLU F 34 -27.81 44.34 -15.48
N CYS F 35 -26.66 43.70 -15.30
CA CYS F 35 -25.42 44.25 -15.85
C CYS F 35 -24.65 43.18 -16.62
N LEU F 36 -23.69 43.68 -17.40
CA LEU F 36 -22.67 42.84 -18.05
C LEU F 36 -21.43 42.91 -17.17
N ALA F 37 -21.10 41.80 -16.49
CA ALA F 37 -19.94 41.75 -15.56
C ALA F 37 -18.72 41.34 -16.37
N CYS F 38 -17.78 42.27 -16.54
CA CYS F 38 -16.62 42.02 -17.39
C CYS F 38 -15.39 41.81 -16.55
N PHE F 39 -14.92 40.55 -16.49
CA PHE F 39 -13.74 40.19 -15.73
C PHE F 39 -12.60 40.26 -16.73
N ILE F 40 -11.58 41.07 -16.42
CA ILE F 40 -10.53 41.42 -17.41
C ILE F 40 -9.17 41.27 -16.82
N ALA F 41 -8.31 40.50 -17.55
CA ALA F 41 -6.85 40.43 -17.33
C ALA F 41 -6.13 41.18 -18.42
N VAL F 42 -5.31 42.16 -18.03
CA VAL F 42 -4.46 42.84 -18.98
C VAL F 42 -3.19 42.01 -19.17
N GLU F 43 -2.79 41.83 -20.42
CA GLU F 43 -1.71 40.92 -20.73
C GLU F 43 -0.49 41.60 -21.29
N ARG F 44 0.61 40.84 -21.30
CA ARG F 44 1.95 41.31 -21.60
C ARG F 44 2.03 42.04 -22.91
N GLU F 45 1.35 41.47 -23.92
CA GLU F 45 1.32 42.10 -25.27
C GLU F 45 0.62 43.45 -25.33
N ASP F 46 -0.28 43.70 -24.39
CA ASP F 46 -0.99 44.97 -24.29
C ASP F 46 -0.11 46.11 -23.87
N GLU F 47 1.08 45.80 -23.36
CA GLU F 47 2.04 46.87 -22.99
C GLU F 47 2.52 47.68 -24.18
N ASN F 48 2.63 47.03 -25.32
CA ASN F 48 3.00 47.71 -26.58
C ASN F 48 2.00 48.78 -27.03
N ASN F 49 0.71 48.56 -26.80
CA ASN F 49 -0.29 49.54 -27.25
C ASN F 49 -1.51 49.56 -26.34
N PRO F 50 -1.35 50.16 -25.14
CA PRO F 50 -2.40 50.24 -24.15
C PRO F 50 -3.67 50.93 -24.65
N GLU F 51 -3.51 51.98 -25.47
CA GLU F 51 -4.62 52.78 -25.93
C GLU F 51 -5.46 51.95 -26.91
N GLY F 52 -4.78 51.29 -27.84
CA GLY F 52 -5.46 50.44 -28.78
C GLY F 52 -6.11 49.21 -28.13
N THR F 53 -5.51 48.70 -27.05
CA THR F 53 -6.06 47.58 -26.27
C THR F 53 -7.35 47.99 -25.58
N ALA F 54 -7.39 49.18 -25.02
CA ALA F 54 -8.60 49.64 -24.37
C ALA F 54 -9.74 49.82 -25.40
N ILE F 55 -9.44 50.52 -26.49
CA ILE F 55 -10.39 50.73 -27.60
C ILE F 55 -10.94 49.41 -28.12
N GLY F 56 -10.06 48.45 -28.44
CA GLY F 56 -10.49 47.13 -28.84
C GLY F 56 -11.39 46.44 -27.84
N ALA F 57 -11.03 46.51 -26.55
CA ALA F 57 -11.92 45.97 -25.52
C ALA F 57 -13.32 46.55 -25.52
N VAL F 58 -13.38 47.88 -25.57
CA VAL F 58 -14.66 48.55 -25.52
C VAL F 58 -15.48 48.19 -26.76
N GLU F 59 -14.81 48.08 -27.91
CA GLU F 59 -15.52 47.70 -29.14
C GLU F 59 -16.31 46.41 -28.95
N GLU F 60 -15.68 45.45 -28.32
CA GLU F 60 -16.29 44.15 -28.10
C GLU F 60 -17.34 44.18 -26.99
N ILE F 61 -17.04 44.85 -25.87
CA ILE F 61 -18.02 44.98 -24.81
C ILE F 61 -19.33 45.66 -25.32
N GLU F 62 -19.17 46.72 -26.10
CA GLU F 62 -20.29 47.40 -26.73
C GLU F 62 -21.13 46.43 -27.57
N LYS F 63 -20.45 45.66 -28.41
CA LYS F 63 -21.11 44.67 -29.22
C LYS F 63 -21.99 43.79 -28.37
N VAL F 64 -21.43 43.21 -27.29
CA VAL F 64 -22.14 42.22 -26.49
C VAL F 64 -23.25 42.92 -25.69
N ALA F 65 -22.95 44.09 -25.14
CA ALA F 65 -23.96 44.79 -24.34
C ALA F 65 -25.16 45.14 -25.23
N ASN F 66 -24.90 45.51 -26.47
CA ASN F 66 -25.98 45.87 -27.41
C ASN F 66 -26.82 44.68 -27.78
N GLN F 67 -26.15 43.57 -28.09
CA GLN F 67 -26.84 42.33 -28.39
C GLN F 67 -27.68 41.83 -27.22
N LEU F 68 -27.17 42.01 -25.98
CA LEU F 68 -27.93 41.65 -24.78
C LEU F 68 -28.90 42.71 -24.28
N LYS F 69 -28.95 43.87 -24.94
CA LYS F 69 -29.80 45.00 -24.50
C LYS F 69 -29.51 45.44 -23.10
N VAL F 70 -28.21 45.54 -22.80
CA VAL F 70 -27.75 45.90 -21.43
C VAL F 70 -26.93 47.18 -21.52
N ASN F 71 -27.20 48.09 -20.59
CA ASN F 71 -26.50 49.37 -20.46
C ASN F 71 -25.64 49.52 -19.19
N ASN F 72 -25.75 48.56 -18.26
CA ASN F 72 -25.00 48.63 -16.97
C ASN F 72 -23.78 47.72 -17.12
N ILE F 73 -22.61 48.28 -16.90
CA ILE F 73 -21.38 47.49 -17.09
C ILE F 73 -20.57 47.50 -15.80
N VAL F 74 -20.02 46.35 -15.41
CA VAL F 74 -19.02 46.39 -14.34
C VAL F 74 -17.70 46.00 -14.93
N VAL F 75 -16.71 46.82 -14.67
CA VAL F 75 -15.31 46.50 -15.09
C VAL F 75 -14.58 45.95 -13.88
N TYR F 76 -14.18 44.69 -13.99
CA TYR F 76 -13.72 43.94 -12.82
C TYR F 76 -12.35 43.36 -13.06
N PRO F 77 -11.29 44.01 -12.52
CA PRO F 77 -9.94 43.51 -12.79
C PRO F 77 -9.85 42.05 -12.30
N TYR F 78 -9.26 41.16 -13.10
CA TYR F 78 -9.31 39.77 -12.73
C TYR F 78 -8.12 39.02 -13.35
N ALA F 79 -7.05 38.95 -12.58
CA ALA F 79 -5.73 38.59 -13.13
C ALA F 79 -5.66 37.11 -13.37
N HIS F 80 -6.63 36.39 -12.79
CA HIS F 80 -6.71 34.92 -12.90
C HIS F 80 -7.07 34.41 -14.24
N LEU F 81 -7.51 35.28 -15.13
CA LEU F 81 -7.88 34.84 -16.48
C LEU F 81 -6.70 34.69 -17.42
N SER F 82 -5.53 35.13 -16.95
CA SER F 82 -4.37 35.02 -17.86
C SER F 82 -3.17 34.57 -17.15
N SER F 83 -2.36 33.80 -17.87
CA SER F 83 -1.12 33.35 -17.39
C SER F 83 0.00 34.09 -18.14
N ASP F 84 -0.24 35.34 -18.53
CA ASP F 84 0.72 36.11 -19.31
C ASP F 84 0.43 37.59 -18.99
N LEU F 85 0.49 37.96 -17.73
CA LEU F 85 0.04 39.30 -17.33
C LEU F 85 0.95 40.46 -17.70
N SER F 86 0.33 41.62 -17.86
CA SER F 86 1.03 42.90 -18.01
C SER F 86 1.61 43.30 -16.63
N SER F 87 2.46 44.34 -16.63
CA SER F 87 2.89 45.00 -15.41
C SER F 87 1.66 45.64 -14.80
N PRO F 88 1.67 45.85 -13.47
CA PRO F 88 0.48 46.44 -12.83
C PRO F 88 0.23 47.87 -13.32
N GLU F 89 1.32 48.57 -13.69
CA GLU F 89 1.21 49.96 -14.11
C GLU F 89 0.39 50.01 -15.39
N THR F 90 0.71 49.14 -16.33
CA THR F 90 -0.06 49.07 -17.59
C THR F 90 -1.52 48.62 -17.36
N ALA F 91 -1.68 47.69 -16.41
CA ALA F 91 -2.96 47.06 -16.22
C ALA F 91 -3.92 48.13 -15.71
N VAL F 92 -3.47 48.88 -14.73
CA VAL F 92 -4.35 49.91 -14.19
C VAL F 92 -4.67 50.98 -15.21
N LYS F 93 -3.68 51.39 -15.98
CA LYS F 93 -3.93 52.34 -17.06
C LYS F 93 -5.03 51.86 -18.02
N VAL F 94 -4.92 50.62 -18.46
CA VAL F 94 -5.88 50.10 -19.45
C VAL F 94 -7.30 49.99 -18.88
N LEU F 95 -7.37 49.54 -17.63
CA LEU F 95 -8.59 49.30 -16.97
C LEU F 95 -9.33 50.61 -16.72
N LYS F 96 -8.61 51.67 -16.32
CA LYS F 96 -9.27 52.98 -16.14
C LYS F 96 -9.73 53.57 -17.45
N ASP F 97 -8.91 53.34 -18.48
CA ASP F 97 -9.20 53.78 -19.82
C ASP F 97 -10.50 53.12 -20.38
N ILE F 98 -10.68 51.81 -20.13
CA ILE F 98 -11.90 51.08 -20.50
C ILE F 98 -13.13 51.70 -19.84
N GLU F 99 -13.04 51.91 -18.55
CA GLU F 99 -14.09 52.64 -17.84
C GLU F 99 -14.44 54.01 -18.45
N SER F 100 -13.42 54.83 -18.70
CA SER F 100 -13.69 56.17 -19.25
C SER F 100 -14.38 56.10 -20.62
N ILE F 101 -13.87 55.28 -21.54
CA ILE F 101 -14.42 55.20 -22.91
C ILE F 101 -15.87 54.71 -22.90
N LEU F 102 -16.17 53.66 -22.12
CA LEU F 102 -17.53 53.18 -21.89
C LEU F 102 -18.47 54.31 -21.38
N LYS F 103 -18.01 55.06 -20.38
CA LYS F 103 -18.82 56.21 -19.89
C LYS F 103 -19.06 57.28 -20.96
N GLU F 104 -18.00 57.67 -21.67
CA GLU F 104 -18.15 58.58 -22.81
C GLU F 104 -19.22 58.08 -23.76
N ARG F 105 -19.27 56.77 -24.00
CA ARG F 105 -20.27 56.18 -24.93
C ARG F 105 -21.65 55.94 -24.30
N GLY F 106 -21.85 56.49 -23.11
CA GLY F 106 -23.15 56.51 -22.50
C GLY F 106 -23.51 55.34 -21.59
N TYR F 107 -22.57 54.40 -21.39
CA TYR F 107 -22.85 53.25 -20.52
C TYR F 107 -22.83 53.66 -19.07
N ASN F 108 -23.62 52.95 -18.25
CA ASN F 108 -23.57 53.17 -16.79
C ASN F 108 -22.58 52.15 -16.26
N VAL F 109 -21.44 52.68 -15.84
CA VAL F 109 -20.28 51.88 -15.50
C VAL F 109 -19.89 51.95 -14.04
N LEU F 110 -19.59 50.77 -13.49
CA LEU F 110 -18.97 50.62 -12.16
C LEU F 110 -17.66 49.90 -12.34
N ARG F 111 -16.55 50.48 -11.85
CA ARG F 111 -15.27 49.76 -11.89
C ARG F 111 -14.88 49.30 -10.48
N ALA F 112 -14.55 48.03 -10.34
CA ALA F 112 -14.07 47.48 -9.06
C ALA F 112 -12.63 47.92 -8.81
N PRO F 113 -12.21 48.08 -7.52
CA PRO F 113 -10.88 48.62 -7.23
C PRO F 113 -9.72 47.67 -7.60
N PHE F 114 -8.66 48.23 -8.20
CA PHE F 114 -7.55 47.42 -8.70
C PHE F 114 -6.56 47.14 -7.58
N GLY F 115 -6.05 45.94 -7.53
CA GLY F 115 -4.96 45.65 -6.59
C GLY F 115 -5.48 45.33 -5.22
N TRP F 116 -6.81 45.22 -5.05
CA TRP F 116 -7.42 44.80 -3.79
C TRP F 116 -7.96 43.40 -3.86
N TYR F 117 -7.84 42.65 -2.76
CA TYR F 117 -8.60 41.37 -2.64
C TYR F 117 -10.06 41.76 -2.43
N LYS F 118 -11.00 41.03 -3.04
CA LYS F 118 -12.41 41.47 -2.97
C LYS F 118 -13.30 40.27 -2.76
N ALA F 119 -14.27 40.37 -1.84
CA ALA F 119 -15.38 39.38 -1.89
C ALA F 119 -16.31 39.79 -3.02
N PHE F 120 -17.02 38.84 -3.61
CA PHE F 120 -18.01 39.22 -4.61
C PHE F 120 -19.15 38.24 -4.72
N LYS F 121 -20.31 38.74 -5.15
CA LYS F 121 -21.48 37.92 -5.45
C LYS F 121 -21.93 38.20 -6.84
N ILE F 122 -22.31 37.12 -7.54
CA ILE F 122 -22.84 37.31 -8.86
C ILE F 122 -23.96 36.27 -9.05
N SER F 123 -24.87 36.60 -9.95
CA SER F 123 -25.94 35.68 -10.36
C SER F 123 -26.10 35.76 -11.87
N CYS F 124 -25.70 34.70 -12.56
CA CYS F 124 -25.61 34.64 -14.02
C CYS F 124 -26.99 34.21 -14.49
N LYS F 125 -27.47 34.91 -15.49
CA LYS F 125 -28.80 34.67 -16.01
C LYS F 125 -28.96 33.29 -16.59
N GLY F 126 -27.93 32.82 -17.29
CA GLY F 126 -27.91 31.43 -17.67
C GLY F 126 -28.53 31.16 -19.00
N HIS F 127 -28.89 32.22 -19.73
CA HIS F 127 -29.32 32.02 -21.10
C HIS F 127 -28.13 31.75 -22.01
N PRO F 128 -28.36 31.29 -23.27
CA PRO F 128 -27.25 30.84 -24.15
C PRO F 128 -26.17 31.86 -24.53
N LEU F 129 -26.44 33.14 -24.29
CA LEU F 129 -25.48 34.17 -24.62
C LEU F 129 -25.06 34.93 -23.39
N SER F 130 -25.26 34.30 -22.24
CA SER F 130 -25.04 34.94 -20.96
C SER F 130 -23.59 34.86 -20.51
N GLU F 131 -22.76 34.03 -21.15
CA GLU F 131 -21.38 33.82 -20.69
C GLU F 131 -20.46 33.72 -21.89
N LEU F 132 -19.52 34.66 -22.00
CA LEU F 132 -18.61 34.69 -23.13
C LEU F 132 -17.19 34.97 -22.74
N SER F 133 -16.25 34.29 -23.39
CA SER F 133 -14.87 34.72 -23.24
C SER F 133 -14.40 35.40 -24.51
N ARG F 134 -13.53 36.39 -24.34
CA ARG F 134 -13.02 37.17 -25.44
C ARG F 134 -11.54 37.51 -25.28
N LYS F 135 -10.72 37.12 -26.24
CA LYS F 135 -9.34 37.56 -26.28
C LYS F 135 -9.29 38.84 -27.15
N ILE F 136 -8.62 39.88 -26.61
CA ILE F 136 -8.52 41.19 -27.22
C ILE F 136 -7.08 41.49 -27.60
N VAL F 137 -6.90 41.84 -28.87
CA VAL F 137 -5.58 42.22 -29.36
C VAL F 137 -5.76 43.55 -30.04
N ALA F 138 -4.97 44.54 -29.67
CA ALA F 138 -5.04 45.85 -30.32
C ALA F 138 -4.87 45.69 -31.84
N LYS F 139 -5.75 46.35 -32.61
CA LYS F 139 -5.67 46.28 -34.07
C LYS F 139 -4.39 46.97 -34.56
N GLU F 140 -3.52 46.20 -35.22
CA GLU F 140 -2.20 46.67 -35.67
C GLU F 140 -2.26 47.63 -36.87
#